data_7L6M
#
_entry.id   7L6M
#
loop_
_entity.id
_entity.type
_entity.pdbx_description
1 polymer 'DH898.1 Fab light chain'
2 polymer 'DH898.1 Fab heavy chain'
#
loop_
_entity_poly.entity_id
_entity_poly.type
_entity_poly.pdbx_seq_one_letter_code
_entity_poly.pdbx_strand_id
1 'polypeptide(L)'
;EIVMTQTPLSLSVTPGEPASLSCRSSASLLHGNGNTYLHWYLRKAGQSPQLLIFGGSKRVPGISDRFIGSGAGTNFTLKI
SSVEADDVGFYYCAQGVAFPWTFGQGTKVEIKRAVAAPSVFIFPPSEDQVKSGTVSVVCLLNNFYPREASVKWKVDGVLK
TGNSQESVTEQDSKDNTYSLSSTLTLSNTDYQSHNVYACEVTHQGLSSPVTKSFNRGE
;
g,j
2 'polypeptide(L)'
;QDLLLQSGAEVREPGASVTVSCQASNYTFPDYYIHWVRLVPGQGLEWLGEMKPKVGVTNVSKKIRDRLFMTADTSTDTAY
MVLSALTPGDTAIYYCTRLEPDFLSGWAHWGKGVLVTVSPASTKGPSVFPLAPSSRSTSESTAALGCLVKDYFPEPVTVS
WNSGSLTSGVHTFPAVLQSSGLYSLSSVVTVPSSSLGTQTYVCNVNHKPSNTKVDKRVE
;
h,i
#
# COMPACT_ATOMS: atom_id res chain seq x y z
N GLU A 1 23.94 -26.46 -16.83
CA GLU A 1 23.34 -25.12 -17.00
C GLU A 1 24.36 -24.13 -17.57
N ILE A 2 23.92 -23.02 -18.18
CA ILE A 2 24.84 -21.95 -18.60
C ILE A 2 25.45 -21.29 -17.36
N VAL A 3 26.76 -21.41 -17.21
CA VAL A 3 27.53 -20.79 -16.13
C VAL A 3 28.74 -20.11 -16.73
N MET A 4 28.92 -18.83 -16.41
CA MET A 4 29.86 -17.93 -17.07
C MET A 4 30.28 -16.78 -16.14
N THR A 5 31.41 -16.15 -16.47
CA THR A 5 32.02 -15.04 -15.72
C THR A 5 32.51 -13.96 -16.67
N GLN A 6 32.67 -12.72 -16.21
CA GLN A 6 33.25 -11.63 -17.01
C GLN A 6 34.18 -10.73 -16.18
N THR A 7 35.28 -10.27 -16.76
CA THR A 7 36.41 -9.62 -16.06
C THR A 7 37.11 -8.56 -16.92
N PRO A 8 37.92 -7.68 -16.31
CA PRO A 8 38.01 -7.40 -14.88
C PRO A 8 36.70 -6.90 -14.28
N LEU A 9 36.54 -7.08 -12.97
CA LEU A 9 35.31 -6.76 -12.26
C LEU A 9 34.98 -5.27 -12.32
N SER A 10 35.99 -4.41 -12.13
CA SER A 10 35.84 -2.97 -12.34
C SER A 10 37.20 -2.31 -12.57
N LEU A 11 37.22 -1.16 -13.22
CA LEU A 11 38.43 -0.35 -13.39
C LEU A 11 38.13 1.13 -13.59
N SER A 12 38.95 1.97 -12.98
CA SER A 12 39.08 3.39 -13.32
C SER A 12 39.98 3.56 -14.53
N VAL A 13 39.47 4.10 -15.63
CA VAL A 13 40.25 4.19 -16.88
C VAL A 13 40.53 5.63 -17.27
N THR A 14 41.74 5.87 -17.77
CA THR A 14 42.25 7.20 -18.09
C THR A 14 41.51 7.74 -19.30
N PRO A 15 41.17 9.04 -19.39
CA PRO A 15 40.62 9.60 -20.61
C PRO A 15 41.46 9.29 -21.86
N GLY A 16 40.77 9.03 -22.98
CA GLY A 16 41.36 8.60 -24.25
C GLY A 16 41.85 7.15 -24.32
N GLU A 17 41.74 6.36 -23.26
CA GLU A 17 42.43 5.06 -23.12
C GLU A 17 41.79 3.91 -23.94
N PRO A 18 42.55 3.14 -24.73
CA PRO A 18 42.08 1.86 -25.26
C PRO A 18 41.93 0.84 -24.12
N ALA A 19 40.85 0.07 -24.12
CA ALA A 19 40.45 -0.78 -23.00
C ALA A 19 39.53 -1.93 -23.43
N SER A 20 39.32 -2.92 -22.57
CA SER A 20 38.51 -4.09 -22.90
C SER A 20 38.08 -4.87 -21.65
N LEU A 21 37.15 -5.79 -21.85
CA LEU A 21 36.61 -6.74 -20.88
C LEU A 21 36.42 -8.09 -21.57
N SER A 22 36.65 -9.19 -20.88
CA SER A 22 36.44 -10.53 -21.42
C SER A 22 35.43 -11.33 -20.62
N CYS A 23 34.55 -12.00 -21.35
CA CYS A 23 33.48 -12.85 -20.88
C CYS A 23 33.88 -14.30 -21.18
N ARG A 24 34.00 -15.10 -20.12
CA ARG A 24 34.49 -16.48 -20.14
C ARG A 24 33.44 -17.46 -19.62
N SER A 25 33.04 -18.37 -20.48
CA SER A 25 31.93 -19.31 -20.28
C SER A 25 32.43 -20.74 -20.08
N SER A 26 31.85 -21.44 -19.09
CA SER A 26 32.03 -22.90 -18.94
C SER A 26 31.22 -23.71 -19.97
N ALA A 27 30.16 -23.14 -20.52
CA ALA A 27 29.38 -23.70 -21.61
C ALA A 27 29.94 -23.23 -22.96
N SER A 28 30.38 -24.17 -23.80
CA SER A 28 30.78 -23.83 -25.17
C SER A 28 29.55 -23.57 -26.03
N LEU A 29 29.46 -22.38 -26.61
CA LEU A 29 28.19 -21.82 -27.07
C LEU A 29 28.00 -21.88 -28.59
N LEU A 30 28.22 -23.00 -29.27
CA LEU A 30 27.91 -23.18 -30.70
C LEU A 30 26.40 -23.39 -30.92
N HIS A 31 25.69 -22.32 -30.65
CA HIS A 31 24.29 -22.29 -30.22
C HIS A 31 23.29 -22.75 -31.27
N GLY A 32 22.11 -23.17 -30.81
CA GLY A 32 20.98 -23.57 -31.65
C GLY A 32 21.40 -24.43 -32.85
N ASN A 33 21.21 -23.89 -34.05
CA ASN A 33 21.61 -24.45 -35.33
C ASN A 33 23.13 -24.44 -35.60
N GLY A 34 23.95 -24.73 -34.60
CA GLY A 34 25.40 -24.82 -34.73
C GLY A 34 26.04 -23.46 -35.03
N ASN A 35 25.64 -22.42 -34.30
CA ASN A 35 25.98 -21.05 -34.59
C ASN A 35 25.94 -20.22 -33.30
N THR A 36 27.06 -19.62 -32.91
CA THR A 36 27.18 -18.97 -31.60
C THR A 36 26.32 -17.72 -31.45
N TYR A 37 25.50 -17.72 -30.40
CA TYR A 37 24.50 -16.69 -30.14
C TYR A 37 24.68 -16.14 -28.71
N LEU A 38 25.44 -15.04 -28.64
CA LEU A 38 25.88 -14.35 -27.43
C LEU A 38 25.90 -12.85 -27.69
N HIS A 39 25.82 -12.07 -26.63
CA HIS A 39 25.61 -10.63 -26.71
C HIS A 39 26.11 -9.93 -25.45
N TRP A 40 26.30 -8.62 -25.57
CA TRP A 40 26.67 -7.74 -24.47
C TRP A 40 25.71 -6.56 -24.33
N TYR A 41 25.57 -6.11 -23.09
CA TYR A 41 24.67 -5.04 -22.71
C TYR A 41 25.34 -4.03 -21.80
N LEU A 42 25.05 -2.76 -22.03
CA LEU A 42 25.28 -1.67 -21.09
C LEU A 42 24.12 -1.58 -20.10
N ARG A 43 24.37 -1.00 -18.94
CA ARG A 43 23.38 -0.31 -18.11
C ARG A 43 24.07 0.88 -17.44
N LYS A 44 23.30 1.87 -17.02
CA LYS A 44 23.77 2.99 -16.20
C LYS A 44 22.87 3.19 -14.99
N ALA A 45 23.36 3.93 -14.02
CA ALA A 45 22.64 4.24 -12.79
C ALA A 45 21.32 4.97 -13.11
N GLY A 46 20.20 4.38 -12.67
CA GLY A 46 18.85 4.87 -12.96
C GLY A 46 18.37 4.64 -14.40
N GLN A 47 19.09 3.89 -15.24
CA GLN A 47 18.80 3.75 -16.67
C GLN A 47 18.41 2.32 -17.02
N SER A 48 17.59 2.17 -18.05
CA SER A 48 17.37 0.89 -18.70
C SER A 48 18.70 0.27 -19.17
N PRO A 49 18.80 -1.05 -19.22
CA PRO A 49 19.82 -1.74 -19.99
C PRO A 49 19.79 -1.32 -21.46
N GLN A 50 20.93 -1.43 -22.13
CA GLN A 50 21.12 -1.00 -23.51
C GLN A 50 21.94 -1.99 -24.31
N LEU A 51 21.49 -2.25 -25.53
CA LEU A 51 22.13 -3.18 -26.43
C LEU A 51 23.51 -2.64 -26.79
N LEU A 52 24.47 -3.54 -27.04
CA LEU A 52 25.78 -3.17 -27.57
C LEU A 52 26.12 -4.00 -28.79
N ILE A 53 26.32 -5.29 -28.57
CA ILE A 53 26.76 -6.26 -29.56
C ILE A 53 26.06 -7.60 -29.33
N PHE A 54 25.95 -8.38 -30.39
CA PHE A 54 25.17 -9.61 -30.45
C PHE A 54 25.74 -10.54 -31.51
N GLY A 55 25.36 -11.82 -31.48
CA GLY A 55 25.99 -12.85 -32.31
C GLY A 55 27.50 -12.92 -32.09
N GLY A 56 27.95 -12.66 -30.86
CA GLY A 56 29.30 -12.20 -30.61
C GLY A 56 29.44 -10.76 -31.09
N SER A 57 30.12 -10.57 -32.21
CA SER A 57 30.72 -9.30 -32.63
C SER A 57 29.80 -8.27 -33.27
N LYS A 58 28.54 -8.57 -33.60
CA LYS A 58 27.71 -7.68 -34.42
C LYS A 58 27.13 -6.53 -33.59
N ARG A 59 27.54 -5.30 -33.91
CA ARG A 59 27.15 -4.04 -33.24
C ARG A 59 25.73 -3.62 -33.57
N VAL A 60 25.00 -3.12 -32.56
CA VAL A 60 23.72 -2.45 -32.74
C VAL A 60 23.89 -1.04 -33.30
N PRO A 61 23.02 -0.57 -34.21
CA PRO A 61 23.13 0.76 -34.79
C PRO A 61 23.23 1.86 -33.75
N GLY A 62 24.01 2.90 -34.05
CA GLY A 62 24.12 4.10 -33.21
C GLY A 62 25.12 4.01 -32.08
N ILE A 63 25.66 2.83 -31.78
CA ILE A 63 26.83 2.69 -30.91
C ILE A 63 28.01 3.44 -31.52
N SER A 64 28.81 4.11 -30.71
CA SER A 64 30.12 4.57 -31.20
C SER A 64 30.98 3.35 -31.54
N ASP A 65 31.47 3.26 -32.76
CA ASP A 65 32.36 2.17 -33.21
C ASP A 65 33.76 2.25 -32.57
N ARG A 66 33.93 3.15 -31.59
CA ARG A 66 34.92 3.04 -30.51
C ARG A 66 34.78 1.69 -29.83
N PHE A 67 33.54 1.27 -29.56
CA PHE A 67 33.25 -0.05 -29.07
C PHE A 67 33.40 -1.09 -30.18
N ILE A 68 34.01 -2.22 -29.82
CA ILE A 68 34.48 -3.30 -30.68
C ILE A 68 34.41 -4.60 -29.87
N GLY A 69 34.35 -5.77 -30.50
CA GLY A 69 34.45 -7.03 -29.77
C GLY A 69 34.18 -8.26 -30.61
N SER A 70 34.66 -9.41 -30.14
CA SER A 70 34.51 -10.72 -30.78
C SER A 70 34.89 -11.84 -29.80
N GLY A 71 34.67 -13.11 -30.14
CA GLY A 71 35.10 -14.25 -29.32
C GLY A 71 34.96 -15.63 -29.92
N ALA A 72 35.88 -16.52 -29.52
CA ALA A 72 35.76 -17.96 -29.66
C ALA A 72 34.73 -18.53 -28.66
N GLY A 73 34.29 -19.78 -28.84
CA GLY A 73 33.05 -20.32 -28.25
C GLY A 73 32.88 -20.36 -26.74
N THR A 74 33.94 -20.04 -25.98
CA THR A 74 33.94 -19.86 -24.51
C THR A 74 34.66 -18.58 -24.07
N ASN A 75 35.15 -17.80 -25.02
CA ASN A 75 36.26 -16.86 -24.85
C ASN A 75 36.01 -15.59 -25.66
N PHE A 76 35.29 -14.66 -25.04
CA PHE A 76 34.72 -13.50 -25.72
C PHE A 76 35.18 -12.20 -25.13
N THR A 77 35.23 -11.15 -25.92
CA THR A 77 35.79 -9.87 -25.51
C THR A 77 34.98 -8.70 -26.06
N LEU A 78 34.77 -7.70 -25.22
CA LEU A 78 34.28 -6.37 -25.55
C LEU A 78 35.44 -5.37 -25.34
N LYS A 79 35.53 -4.35 -26.17
CA LYS A 79 36.68 -3.47 -26.31
C LYS A 79 36.20 -2.07 -26.60
N ILE A 80 36.96 -1.07 -26.18
CA ILE A 80 36.76 0.32 -26.52
C ILE A 80 38.10 0.91 -26.94
N SER A 81 38.12 1.69 -28.01
CA SER A 81 39.33 2.36 -28.49
C SER A 81 39.82 3.48 -27.56
N SER A 82 38.95 4.01 -26.71
CA SER A 82 39.14 5.31 -26.08
C SER A 82 38.27 5.44 -24.82
N VAL A 83 38.46 6.51 -24.05
CA VAL A 83 37.65 6.85 -22.87
C VAL A 83 37.19 8.28 -22.95
N GLU A 84 35.89 8.49 -22.84
CA GLU A 84 35.22 9.74 -22.58
C GLU A 84 34.11 9.54 -21.53
N ALA A 85 33.68 10.60 -20.84
CA ALA A 85 32.93 10.46 -19.58
C ALA A 85 31.63 9.65 -19.73
N ASP A 86 31.01 9.78 -20.89
CA ASP A 86 29.87 9.00 -21.34
C ASP A 86 30.07 7.47 -21.25
N ASP A 87 31.29 6.95 -21.25
CA ASP A 87 31.56 5.52 -21.10
C ASP A 87 31.33 4.96 -19.68
N VAL A 88 31.35 5.81 -18.65
CA VAL A 88 31.26 5.39 -17.24
C VAL A 88 29.89 4.77 -16.95
N GLY A 89 29.87 3.49 -16.55
CA GLY A 89 28.66 2.69 -16.45
C GLY A 89 28.95 1.21 -16.19
N PHE A 90 27.99 0.35 -16.47
CA PHE A 90 28.05 -1.08 -16.19
C PHE A 90 27.86 -1.93 -17.44
N TYR A 91 28.57 -3.04 -17.53
CA TYR A 91 28.61 -3.87 -18.72
C TYR A 91 28.45 -5.35 -18.39
N TYR A 92 27.63 -6.01 -19.20
CA TYR A 92 27.10 -7.35 -19.02
C TYR A 92 27.21 -8.16 -20.32
N CYS A 93 27.19 -9.50 -20.21
CA CYS A 93 27.15 -10.40 -21.36
C CYS A 93 26.19 -11.58 -21.11
N ALA A 94 25.64 -12.18 -22.18
CA ALA A 94 24.63 -13.26 -22.09
C ALA A 94 24.48 -14.11 -23.38
N GLN A 95 23.52 -15.03 -23.38
CA GLN A 95 23.38 -16.21 -24.26
C GLN A 95 21.92 -16.36 -24.78
N GLY A 96 21.66 -16.90 -25.98
CA GLY A 96 20.25 -17.17 -26.38
C GLY A 96 19.94 -18.00 -27.64
N VAL A 97 18.81 -18.74 -27.62
CA VAL A 97 18.04 -19.19 -28.81
C VAL A 97 16.60 -19.61 -28.42
N ALA A 98 16.48 -20.38 -27.35
CA ALA A 98 15.22 -20.71 -26.69
C ALA A 98 15.35 -20.79 -25.14
N PHE A 99 16.55 -20.60 -24.59
CA PHE A 99 16.88 -20.91 -23.19
C PHE A 99 17.55 -19.75 -22.44
N PRO A 100 16.88 -18.60 -22.27
CA PRO A 100 17.54 -17.31 -22.07
C PRO A 100 18.13 -17.08 -20.69
N TRP A 101 18.03 -18.05 -19.78
CA TRP A 101 18.51 -17.97 -18.41
C TRP A 101 20.03 -17.83 -18.32
N THR A 102 20.56 -16.62 -18.40
CA THR A 102 21.99 -16.33 -18.26
C THR A 102 22.23 -14.86 -17.92
N PHE A 103 23.21 -14.58 -17.07
CA PHE A 103 23.89 -13.28 -17.10
C PHE A 103 25.34 -13.41 -16.63
N GLY A 104 26.21 -12.58 -17.20
CA GLY A 104 27.46 -12.21 -16.55
C GLY A 104 27.15 -11.25 -15.40
N GLN A 105 27.93 -11.30 -14.31
CA GLN A 105 27.62 -10.59 -13.07
C GLN A 105 27.68 -9.05 -13.13
N GLY A 106 28.05 -8.49 -14.29
CA GLY A 106 28.25 -7.07 -14.48
C GLY A 106 29.66 -6.64 -14.12
N THR A 107 30.17 -5.65 -14.84
CA THR A 107 31.48 -5.04 -14.59
C THR A 107 31.34 -3.53 -14.70
N LYS A 108 32.03 -2.78 -13.85
CA LYS A 108 31.84 -1.31 -13.74
C LYS A 108 33.02 -0.55 -14.29
N VAL A 109 32.77 0.28 -15.29
CA VAL A 109 33.69 1.35 -15.69
C VAL A 109 33.63 2.46 -14.66
N GLU A 110 34.78 2.89 -14.19
CA GLU A 110 35.04 4.19 -13.56
C GLU A 110 36.06 4.96 -14.41
N ILE A 111 36.41 6.19 -14.04
CA ILE A 111 37.50 6.92 -14.71
C ILE A 111 38.67 7.16 -13.77
N LYS A 112 39.86 6.98 -14.32
CA LYS A 112 41.13 7.22 -13.66
C LYS A 112 41.38 8.70 -13.48
N ARG A 113 41.81 9.08 -12.29
CA ARG A 113 41.82 10.47 -11.82
C ARG A 113 43.04 10.75 -10.94
N ALA A 114 43.42 12.01 -10.78
CA ALA A 114 44.52 12.40 -9.90
C ALA A 114 44.20 12.11 -8.43
N VAL A 115 45.16 11.63 -7.65
CA VAL A 115 44.92 11.34 -6.23
C VAL A 115 44.70 12.63 -5.43
N ALA A 116 43.90 12.50 -4.38
CA ALA A 116 43.39 13.62 -3.62
C ALA A 116 42.99 13.18 -2.21
N ALA A 117 43.37 13.97 -1.20
CA ALA A 117 42.84 13.90 0.15
C ALA A 117 41.45 14.55 0.20
N PRO A 118 40.52 13.99 0.97
CA PRO A 118 39.29 14.68 1.26
C PRO A 118 39.51 15.89 2.17
N SER A 119 38.57 16.83 2.09
CA SER A 119 38.25 17.70 3.22
C SER A 119 37.40 16.92 4.20
N VAL A 120 37.60 17.06 5.52
CA VAL A 120 36.87 16.27 6.52
C VAL A 120 36.24 17.14 7.59
N PHE A 121 35.01 16.82 7.97
CA PHE A 121 34.26 17.46 9.04
C PHE A 121 33.56 16.42 9.92
N ILE A 122 33.15 16.77 11.13
CA ILE A 122 32.37 15.94 12.07
C ILE A 122 31.46 16.87 12.86
N PHE A 123 30.39 16.37 13.48
CA PHE A 123 29.65 17.20 14.44
C PHE A 123 29.06 16.42 15.61
N PRO A 124 28.97 17.07 16.79
CA PRO A 124 28.00 16.68 17.78
C PRO A 124 26.59 16.94 17.26
N PRO A 125 25.67 15.96 17.28
CA PRO A 125 24.25 16.23 17.06
C PRO A 125 23.69 17.08 18.21
N SER A 126 22.62 17.85 17.97
CA SER A 126 21.98 18.57 19.07
C SER A 126 21.33 17.62 20.06
N GLU A 127 21.07 18.16 21.24
CA GLU A 127 20.34 17.53 22.33
C GLU A 127 18.99 17.00 21.89
N ASP A 128 18.44 17.48 20.79
CA ASP A 128 17.14 17.08 20.29
C ASP A 128 17.13 15.63 19.81
N GLN A 129 18.26 15.11 19.33
CA GLN A 129 18.37 13.66 19.14
C GLN A 129 18.63 12.96 20.47
N VAL A 130 19.49 13.53 21.31
CA VAL A 130 19.92 12.92 22.58
C VAL A 130 18.70 12.64 23.45
N LYS A 131 17.86 13.64 23.66
CA LYS A 131 16.60 13.54 24.41
C LYS A 131 15.56 12.65 23.73
N SER A 132 15.66 12.44 22.42
CA SER A 132 14.84 11.46 21.67
C SER A 132 15.33 10.01 21.79
N GLY A 133 16.34 9.72 22.61
CA GLY A 133 16.77 8.36 22.93
C GLY A 133 17.88 7.80 22.05
N THR A 134 18.20 8.42 20.91
CA THR A 134 19.21 7.91 19.95
C THR A 134 20.13 9.03 19.48
N VAL A 135 21.42 8.73 19.43
CA VAL A 135 22.48 9.65 19.05
C VAL A 135 23.18 9.14 17.82
N SER A 136 23.23 9.91 16.74
CA SER A 136 24.08 9.64 15.60
C SER A 136 25.20 10.67 15.56
N VAL A 137 26.44 10.22 15.63
CA VAL A 137 27.61 11.09 15.46
C VAL A 137 28.20 10.82 14.08
N VAL A 138 28.32 11.86 13.27
CA VAL A 138 28.56 11.72 11.83
C VAL A 138 29.78 12.51 11.44
N CYS A 139 30.56 11.91 10.56
CA CYS A 139 31.80 12.42 10.01
C CYS A 139 31.73 12.35 8.48
N LEU A 140 32.21 13.42 7.84
CA LEU A 140 31.98 13.77 6.46
C LEU A 140 33.35 13.79 5.77
N LEU A 141 33.56 12.93 4.79
CA LEU A 141 34.86 12.62 4.20
C LEU A 141 34.79 12.92 2.71
N ASN A 142 35.14 14.14 2.33
CA ASN A 142 34.61 14.75 1.14
C ASN A 142 35.69 15.03 0.10
N ASN A 143 35.49 14.56 -1.12
CA ASN A 143 36.35 14.84 -2.28
C ASN A 143 37.72 14.17 -2.20
N PHE A 144 37.73 12.84 -2.14
CA PHE A 144 38.94 12.02 -2.13
C PHE A 144 39.07 11.16 -3.38
N TYR A 145 40.29 10.92 -3.84
CA TYR A 145 40.59 9.94 -4.87
C TYR A 145 41.91 9.26 -4.51
N PRO A 146 42.12 7.96 -4.77
CA PRO A 146 41.20 6.97 -5.35
C PRO A 146 39.98 6.64 -4.49
N ARG A 147 39.19 5.70 -4.97
CA ARG A 147 37.86 5.31 -4.46
C ARG A 147 37.80 4.83 -3.02
N GLU A 148 38.90 4.44 -2.41
CA GLU A 148 38.89 3.73 -1.14
C GLU A 148 39.26 4.63 0.05
N ALA A 149 38.51 4.55 1.13
CA ALA A 149 38.92 5.07 2.43
C ALA A 149 38.35 4.20 3.56
N SER A 150 39.05 4.19 4.70
CA SER A 150 38.66 3.54 5.94
C SER A 150 38.27 4.59 6.97
N VAL A 151 37.21 4.33 7.72
CA VAL A 151 36.67 5.26 8.73
C VAL A 151 36.27 4.52 10.00
N LYS A 152 36.45 5.19 11.13
CA LYS A 152 36.57 4.65 12.47
C LYS A 152 36.00 5.65 13.46
N TRP A 153 35.68 5.18 14.66
CA TRP A 153 35.37 6.05 15.79
C TRP A 153 36.15 5.66 17.02
N LYS A 154 36.39 6.64 17.88
CA LYS A 154 36.75 6.45 19.28
C LYS A 154 35.82 7.23 20.20
N VAL A 155 35.56 6.65 21.36
CA VAL A 155 34.86 7.27 22.49
C VAL A 155 35.72 7.17 23.73
N ASP A 156 36.01 8.30 24.36
CA ASP A 156 36.89 8.37 25.54
C ASP A 156 38.25 7.67 25.31
N GLY A 157 38.78 7.78 24.09
CA GLY A 157 40.02 7.14 23.67
C GLY A 157 39.91 5.67 23.26
N VAL A 158 38.72 5.09 23.31
CA VAL A 158 38.44 3.66 23.11
C VAL A 158 37.72 3.44 21.78
N LEU A 159 38.20 2.49 20.99
CA LEU A 159 37.68 2.19 19.66
C LEU A 159 36.18 1.84 19.62
N LYS A 160 35.61 2.07 18.44
CA LYS A 160 34.26 1.69 18.04
C LYS A 160 33.87 0.29 18.48
N THR A 161 32.59 0.15 18.74
CA THR A 161 31.87 -1.10 18.93
C THR A 161 30.48 -1.00 18.31
N GLY A 162 29.83 -2.11 18.02
CA GLY A 162 28.45 -2.16 17.55
C GLY A 162 28.21 -1.53 16.17
N ASN A 163 27.42 -0.47 16.15
CA ASN A 163 26.86 0.14 14.94
C ASN A 163 27.86 0.91 14.08
N SER A 164 27.61 0.95 12.77
CA SER A 164 28.01 2.06 11.91
C SER A 164 27.05 2.19 10.73
N GLN A 165 27.03 3.33 10.05
CA GLN A 165 26.43 3.47 8.74
C GLN A 165 27.29 4.36 7.85
N GLU A 166 27.33 4.07 6.56
CA GLU A 166 28.21 4.69 5.57
C GLU A 166 27.41 4.93 4.28
N SER A 167 27.77 5.94 3.48
CA SER A 167 27.13 6.20 2.17
C SER A 167 28.00 7.13 1.31
N VAL A 168 28.09 6.86 0.01
CA VAL A 168 29.13 7.40 -0.87
C VAL A 168 28.57 7.90 -2.20
N THR A 169 29.21 8.90 -2.77
CA THR A 169 28.99 9.35 -4.15
C THR A 169 29.41 8.32 -5.20
N GLU A 170 28.76 8.42 -6.34
CA GLU A 170 29.03 7.76 -7.62
C GLU A 170 30.33 8.23 -8.32
N GLN A 171 31.48 8.20 -7.65
CA GLN A 171 32.62 9.05 -8.03
C GLN A 171 32.16 10.52 -7.93
N ASP A 172 32.30 11.36 -8.96
CA ASP A 172 31.58 12.65 -9.00
C ASP A 172 30.82 12.83 -10.32
N SER A 173 29.93 13.81 -10.38
CA SER A 173 29.58 14.40 -11.68
C SER A 173 30.81 15.06 -12.31
N LYS A 174 31.45 15.99 -11.59
CA LYS A 174 32.56 16.81 -12.11
C LYS A 174 33.95 16.23 -11.84
N ASP A 175 34.57 16.53 -10.70
CA ASP A 175 36.02 16.33 -10.54
C ASP A 175 36.44 14.87 -10.57
N ASN A 176 35.51 14.00 -10.27
CA ASN A 176 35.63 12.56 -10.22
C ASN A 176 36.58 12.06 -9.15
N THR A 177 36.57 12.77 -8.04
CA THR A 177 36.87 12.24 -6.72
C THR A 177 35.67 11.44 -6.22
N TYR A 178 35.56 11.25 -4.90
CA TYR A 178 34.45 10.66 -4.19
C TYR A 178 34.19 11.44 -2.91
N SER A 179 32.99 11.33 -2.35
CA SER A 179 32.64 11.88 -1.06
C SER A 179 31.84 10.84 -0.27
N LEU A 180 32.10 10.73 1.03
CA LEU A 180 31.60 9.71 1.93
C LEU A 180 31.07 10.38 3.19
N SER A 181 29.84 10.10 3.54
CA SER A 181 29.33 10.29 4.89
C SER A 181 29.41 8.97 5.64
N SER A 182 29.82 8.99 6.90
CA SER A 182 29.62 7.84 7.79
C SER A 182 29.43 8.24 9.26
N THR A 183 28.87 7.34 10.05
CA THR A 183 28.52 7.56 11.45
C THR A 183 28.72 6.31 12.28
N LEU A 184 28.96 6.51 13.57
CA LEU A 184 28.60 5.55 14.62
C LEU A 184 27.35 6.14 15.28
N THR A 185 26.33 5.32 15.54
CA THR A 185 25.06 5.72 16.13
C THR A 185 24.72 4.83 17.33
N LEU A 186 24.16 5.40 18.39
CA LEU A 186 24.12 4.89 19.76
C LEU A 186 22.76 5.12 20.40
N SER A 187 22.40 4.38 21.44
CA SER A 187 21.38 4.89 22.37
C SER A 187 21.97 6.02 23.19
N ASN A 188 21.16 7.02 23.51
CA ASN A 188 21.60 8.26 24.14
C ASN A 188 22.36 8.02 25.46
N THR A 189 21.92 7.02 26.19
CA THR A 189 22.59 6.38 27.32
C THR A 189 24.07 6.19 27.13
N ASP A 190 24.44 5.68 25.98
CA ASP A 190 25.81 5.30 25.68
C ASP A 190 26.62 6.59 25.56
N TYR A 191 26.11 7.52 24.76
CA TYR A 191 26.68 8.85 24.63
C TYR A 191 26.75 9.58 25.97
N GLN A 192 25.76 9.42 26.84
CA GLN A 192 25.79 9.98 28.19
C GLN A 192 26.80 9.29 29.09
N SER A 193 27.15 8.04 28.82
CA SER A 193 28.21 7.33 29.52
C SER A 193 29.57 7.81 29.03
N HIS A 194 29.68 8.02 27.72
CA HIS A 194 30.81 8.61 27.03
C HIS A 194 30.91 10.10 27.34
N ASN A 195 32.00 10.71 26.92
CA ASN A 195 32.37 12.08 27.28
C ASN A 195 33.12 12.76 26.13
N VAL A 196 34.00 12.03 25.45
CA VAL A 196 34.80 12.47 24.30
C VAL A 196 34.45 11.59 23.11
N TYR A 197 34.36 12.18 21.93
CA TYR A 197 33.94 11.54 20.69
C TYR A 197 34.88 11.95 19.58
N ALA A 198 35.32 10.99 18.77
CA ALA A 198 36.16 11.24 17.62
C ALA A 198 35.80 10.32 16.46
N CYS A 199 35.90 10.83 15.24
CA CYS A 199 36.10 9.99 14.06
C CYS A 199 37.59 9.91 13.71
N GLU A 200 37.98 8.78 13.13
CA GLU A 200 39.31 8.50 12.62
C GLU A 200 39.24 7.89 11.21
N VAL A 201 40.25 8.16 10.40
CA VAL A 201 40.19 8.04 8.94
C VAL A 201 41.54 7.62 8.39
N THR A 202 41.57 6.77 7.36
CA THR A 202 42.75 6.63 6.52
C THR A 202 42.43 6.37 5.05
N HIS A 203 43.35 6.73 4.15
CA HIS A 203 43.19 6.74 2.69
C HIS A 203 44.57 6.81 2.01
N GLN A 204 44.64 6.40 0.75
CA GLN A 204 45.87 6.34 -0.06
C GLN A 204 46.56 7.71 -0.12
N GLY A 205 45.78 8.75 -0.44
CA GLY A 205 46.23 10.14 -0.43
C GLY A 205 46.18 10.73 0.96
N LEU A 206 47.02 10.24 1.88
CA LEU A 206 47.30 10.82 3.21
C LEU A 206 48.75 10.54 3.63
N SER A 207 49.31 11.42 4.44
CA SER A 207 50.58 11.16 5.16
C SER A 207 50.42 10.21 6.34
N SER A 208 49.21 10.15 6.92
CA SER A 208 48.90 9.50 8.18
C SER A 208 47.38 9.46 8.41
N PRO A 209 46.85 8.58 9.29
CA PRO A 209 45.43 8.59 9.66
C PRO A 209 45.00 9.90 10.32
N VAL A 210 43.73 10.29 10.19
CA VAL A 210 43.25 11.62 10.57
C VAL A 210 42.11 11.59 11.57
N THR A 211 42.25 12.36 12.64
CA THR A 211 41.27 12.52 13.71
C THR A 211 40.48 13.82 13.56
N LYS A 212 39.16 13.75 13.77
CA LYS A 212 38.33 14.92 14.14
C LYS A 212 37.55 14.58 15.41
N SER A 213 37.34 15.53 16.31
CA SER A 213 36.84 15.21 17.67
C SER A 213 36.11 16.35 18.39
N PHE A 214 35.31 15.99 19.40
CA PHE A 214 34.61 16.91 20.31
C PHE A 214 34.29 16.21 21.66
N ASN A 215 33.75 16.95 22.62
CA ASN A 215 33.40 16.46 23.96
C ASN A 215 31.96 16.85 24.34
N ARG A 216 31.33 16.08 25.22
CA ARG A 216 29.92 16.19 25.63
C ARG A 216 29.67 17.55 26.29
N GLY A 217 28.57 18.18 25.89
CA GLY A 217 28.36 19.61 26.11
C GLY A 217 29.27 20.42 25.18
N GLU A 218 30.56 20.51 25.51
CA GLU A 218 31.61 21.19 24.75
C GLU A 218 32.93 20.42 24.84
N GLN B 1 8.19 5.84 -30.85
CA GLN B 1 9.54 5.24 -30.69
C GLN B 1 9.46 3.82 -30.12
N ASP B 2 10.52 3.02 -30.32
CA ASP B 2 10.68 1.62 -29.88
C ASP B 2 10.74 1.51 -28.36
N LEU B 3 9.59 1.51 -27.71
CA LEU B 3 9.47 1.65 -26.26
C LEU B 3 8.38 0.74 -25.69
N LEU B 4 8.56 0.33 -24.45
CA LEU B 4 7.52 -0.21 -23.60
C LEU B 4 7.28 0.78 -22.48
N LEU B 5 6.05 1.23 -22.30
CA LEU B 5 5.72 2.00 -21.13
C LEU B 5 5.63 1.09 -19.90
N GLN B 6 6.21 1.55 -18.80
CA GLN B 6 6.01 1.01 -17.46
C GLN B 6 5.82 2.19 -16.51
N SER B 7 5.30 1.99 -15.29
CA SER B 7 4.71 3.08 -14.48
C SER B 7 5.21 3.12 -13.02
N GLY B 8 4.46 3.70 -12.09
CA GLY B 8 4.88 3.98 -10.70
C GLY B 8 5.23 2.75 -9.86
N ALA B 9 6.09 2.92 -8.86
CA ALA B 9 6.63 1.86 -8.01
C ALA B 9 5.61 1.27 -7.01
N GLU B 10 6.03 0.26 -6.24
CA GLU B 10 5.20 -0.49 -5.31
C GLU B 10 5.94 -0.96 -4.06
N VAL B 11 5.19 -1.25 -2.99
CA VAL B 11 5.73 -1.81 -1.75
C VAL B 11 4.73 -2.72 -1.07
N ARG B 12 5.21 -3.77 -0.38
CA ARG B 12 4.35 -4.75 0.30
C ARG B 12 4.92 -5.35 1.59
N GLU B 13 4.01 -5.82 2.41
CA GLU B 13 4.26 -6.69 3.54
C GLU B 13 4.82 -8.03 3.07
N PRO B 14 5.65 -8.72 3.87
CA PRO B 14 6.02 -10.10 3.58
C PRO B 14 4.81 -11.04 3.57
N GLY B 15 4.91 -12.09 2.77
CA GLY B 15 3.88 -13.10 2.56
C GLY B 15 2.77 -12.67 1.60
N ALA B 16 2.82 -11.45 1.05
CA ALA B 16 1.73 -10.90 0.25
C ALA B 16 1.85 -11.29 -1.24
N SER B 17 1.44 -10.40 -2.14
CA SER B 17 1.55 -10.57 -3.60
C SER B 17 1.66 -9.21 -4.31
N VAL B 18 2.02 -9.23 -5.59
CA VAL B 18 2.24 -8.03 -6.41
C VAL B 18 1.86 -8.29 -7.85
N THR B 19 1.40 -7.25 -8.52
CA THR B 19 1.08 -7.22 -9.94
C THR B 19 1.96 -6.19 -10.63
N VAL B 20 2.58 -6.51 -11.76
CA VAL B 20 3.36 -5.57 -12.58
C VAL B 20 2.90 -5.63 -14.03
N SER B 21 2.83 -4.48 -14.67
CA SER B 21 2.21 -4.30 -15.98
C SER B 21 3.15 -3.57 -16.94
N CYS B 22 3.03 -3.85 -18.24
CA CYS B 22 3.76 -3.15 -19.29
C CYS B 22 2.93 -2.96 -20.54
N GLN B 23 3.07 -1.82 -21.19
CA GLN B 23 2.26 -1.41 -22.32
C GLN B 23 3.12 -1.22 -23.57
N ALA B 24 2.71 -1.81 -24.69
CA ALA B 24 3.41 -1.62 -25.95
C ALA B 24 3.28 -0.19 -26.48
N SER B 25 4.31 0.27 -27.20
CA SER B 25 4.22 1.39 -28.14
C SER B 25 3.32 1.06 -29.35
N ASN B 26 3.09 2.01 -30.26
CA ASN B 26 2.32 1.80 -31.49
C ASN B 26 3.04 0.80 -32.40
N TYR B 27 2.61 -0.46 -32.32
CA TYR B 27 3.26 -1.65 -32.88
C TYR B 27 2.29 -2.84 -33.02
N THR B 28 2.61 -3.82 -33.88
CA THR B 28 1.91 -5.11 -34.10
C THR B 28 2.04 -6.08 -32.92
N PHE B 29 1.47 -5.70 -31.76
CA PHE B 29 1.68 -6.29 -30.44
C PHE B 29 1.94 -7.81 -30.36
N PRO B 30 1.17 -8.70 -31.02
CA PRO B 30 1.38 -10.14 -30.88
C PRO B 30 2.72 -10.64 -31.41
N ASP B 31 3.44 -9.89 -32.24
CA ASP B 31 4.60 -10.41 -32.96
C ASP B 31 5.92 -10.34 -32.18
N TYR B 32 5.99 -9.59 -31.08
CA TYR B 32 7.13 -9.60 -30.18
C TYR B 32 7.15 -10.88 -29.33
N TYR B 33 8.33 -11.40 -29.05
CA TYR B 33 8.54 -12.17 -27.83
C TYR B 33 8.94 -11.19 -26.74
N ILE B 34 8.59 -11.51 -25.49
CA ILE B 34 8.84 -10.69 -24.33
C ILE B 34 9.60 -11.50 -23.30
N HIS B 35 10.63 -10.92 -22.69
CA HIS B 35 11.12 -11.41 -21.41
C HIS B 35 10.65 -10.51 -20.30
N TRP B 36 10.29 -11.13 -19.18
CA TRP B 36 10.35 -10.46 -17.89
C TRP B 36 11.68 -10.77 -17.26
N VAL B 37 12.31 -9.74 -16.75
CA VAL B 37 13.65 -9.78 -16.16
C VAL B 37 13.67 -8.83 -14.98
N ARG B 38 14.67 -8.90 -14.11
CA ARG B 38 14.82 -7.92 -13.04
C ARG B 38 16.26 -7.57 -12.71
N LEU B 39 16.46 -6.33 -12.27
CA LEU B 39 17.67 -5.88 -11.60
C LEU B 39 17.40 -5.94 -10.10
N VAL B 40 18.17 -6.75 -9.40
CA VAL B 40 18.10 -6.89 -7.95
C VAL B 40 19.19 -6.05 -7.26
N PRO B 41 18.89 -5.33 -6.17
CA PRO B 41 19.82 -4.43 -5.51
C PRO B 41 21.17 -5.07 -5.18
N GLY B 42 22.27 -4.40 -5.53
CA GLY B 42 23.63 -4.87 -5.26
C GLY B 42 23.99 -6.23 -5.87
N GLN B 43 23.21 -6.71 -6.83
CA GLN B 43 23.26 -8.07 -7.36
C GLN B 43 23.11 -8.09 -8.88
N GLY B 44 23.46 -9.21 -9.50
CA GLY B 44 23.48 -9.36 -10.94
C GLY B 44 22.10 -9.31 -11.59
N LEU B 45 22.05 -8.99 -12.88
CA LEU B 45 20.81 -9.01 -13.65
C LEU B 45 20.26 -10.44 -13.73
N GLU B 46 18.96 -10.56 -13.92
CA GLU B 46 18.29 -11.84 -13.87
C GLU B 46 17.12 -11.92 -14.85
N TRP B 47 17.24 -12.82 -15.81
CA TRP B 47 16.10 -13.25 -16.59
C TRP B 47 15.15 -14.09 -15.75
N LEU B 48 13.85 -13.97 -16.01
CA LEU B 48 12.83 -14.68 -15.27
C LEU B 48 12.01 -15.58 -16.17
N GLY B 49 11.52 -15.04 -17.27
CA GLY B 49 10.56 -15.72 -18.12
C GLY B 49 10.40 -15.11 -19.50
N GLU B 50 9.71 -15.83 -20.35
CA GLU B 50 9.50 -15.50 -21.75
C GLU B 50 8.04 -15.75 -22.12
N MET B 51 7.44 -14.81 -22.84
CA MET B 51 6.02 -14.78 -23.14
C MET B 51 5.81 -14.25 -24.56
N LYS B 52 4.87 -14.82 -25.29
CA LYS B 52 4.42 -14.38 -26.62
C LYS B 52 2.91 -14.20 -26.55
N PRO B 53 2.32 -13.02 -26.82
CA PRO B 53 1.04 -12.63 -26.23
C PRO B 53 -0.09 -13.65 -26.35
N LYS B 54 -0.42 -14.06 -27.56
CA LYS B 54 -1.54 -14.99 -27.78
C LYS B 54 -1.26 -16.41 -27.32
N VAL B 55 0.02 -16.77 -27.18
CA VAL B 55 0.47 -18.02 -26.56
C VAL B 55 0.37 -17.92 -25.05
N GLY B 56 0.68 -16.75 -24.48
CA GLY B 56 1.00 -16.65 -23.07
C GLY B 56 2.41 -17.14 -22.79
N VAL B 57 2.58 -17.86 -21.69
CA VAL B 57 3.89 -18.33 -21.22
C VAL B 57 4.58 -19.22 -22.23
N THR B 58 5.91 -19.16 -22.26
CA THR B 58 6.72 -20.02 -23.13
C THR B 58 7.81 -20.74 -22.36
N ASN B 59 8.60 -20.00 -21.59
CA ASN B 59 9.71 -20.50 -20.81
C ASN B 59 9.83 -19.66 -19.56
N VAL B 60 10.25 -20.24 -18.46
CA VAL B 60 10.36 -19.57 -17.17
C VAL B 60 11.39 -20.26 -16.29
N SER B 61 12.05 -19.51 -15.41
CA SER B 61 12.92 -20.08 -14.40
C SER B 61 12.13 -20.93 -13.41
N LYS B 62 12.50 -22.21 -13.34
CA LYS B 62 12.01 -23.18 -12.37
C LYS B 62 12.04 -22.70 -10.92
N LYS B 63 12.97 -21.80 -10.58
CA LYS B 63 13.08 -21.21 -9.25
C LYS B 63 11.83 -20.43 -8.90
N ILE B 64 11.39 -19.59 -9.83
CA ILE B 64 10.34 -18.61 -9.58
C ILE B 64 8.98 -19.16 -9.97
N ARG B 65 8.96 -20.02 -11.00
CA ARG B 65 7.82 -20.54 -11.76
C ARG B 65 6.52 -20.69 -10.99
N ASP B 66 6.56 -21.34 -9.83
CA ASP B 66 5.34 -21.64 -9.08
C ASP B 66 4.77 -20.40 -8.41
N ARG B 67 5.66 -19.55 -7.90
CA ARG B 67 5.35 -18.25 -7.32
C ARG B 67 4.88 -17.27 -8.41
N LEU B 68 5.51 -17.36 -9.57
CA LEU B 68 5.28 -16.55 -10.74
C LEU B 68 3.91 -16.85 -11.36
N PHE B 69 3.26 -15.83 -11.90
CA PHE B 69 2.28 -16.01 -12.96
C PHE B 69 2.44 -14.91 -14.00
N MET B 70 2.24 -15.22 -15.28
CA MET B 70 2.62 -14.36 -16.39
C MET B 70 1.61 -14.50 -17.53
N THR B 71 1.26 -13.39 -18.16
CA THR B 71 0.19 -13.36 -19.16
C THR B 71 0.23 -12.05 -19.92
N ALA B 72 -0.66 -11.87 -20.88
CA ALA B 72 -0.83 -10.63 -21.61
C ALA B 72 -2.27 -10.47 -22.09
N ASP B 73 -2.71 -9.23 -22.28
CA ASP B 73 -3.94 -8.92 -22.97
C ASP B 73 -3.69 -8.21 -24.30
N THR B 74 -4.21 -8.81 -25.36
CA THR B 74 -4.21 -8.28 -26.72
C THR B 74 -5.04 -7.01 -26.83
N SER B 75 -6.15 -6.93 -26.11
CA SER B 75 -7.15 -5.90 -26.27
C SER B 75 -6.56 -4.53 -25.91
N THR B 76 -5.74 -4.53 -24.87
CA THR B 76 -4.98 -3.39 -24.37
C THR B 76 -3.59 -3.30 -24.97
N ASP B 77 -3.07 -4.40 -25.54
CA ASP B 77 -1.69 -4.51 -26.00
C ASP B 77 -0.69 -4.41 -24.84
N THR B 78 -0.95 -5.19 -23.79
CA THR B 78 -0.22 -5.13 -22.53
C THR B 78 0.22 -6.49 -22.05
N ALA B 79 1.43 -6.56 -21.51
CA ALA B 79 1.89 -7.69 -20.73
C ALA B 79 1.62 -7.46 -19.25
N TYR B 80 1.58 -8.56 -18.50
CA TYR B 80 1.62 -8.55 -17.05
C TYR B 80 2.56 -9.62 -16.55
N MET B 81 2.98 -9.46 -15.32
CA MET B 81 3.35 -10.58 -14.48
C MET B 81 2.85 -10.31 -13.08
N VAL B 82 2.70 -11.39 -12.35
CA VAL B 82 2.22 -11.41 -11.00
C VAL B 82 3.23 -12.24 -10.21
N LEU B 83 3.60 -11.79 -9.03
CA LEU B 83 4.34 -12.62 -8.10
C LEU B 83 3.52 -12.87 -6.84
N SER B 84 3.32 -14.14 -6.52
CA SER B 84 2.70 -14.62 -5.29
C SER B 84 3.73 -15.04 -4.24
N ALA B 85 3.32 -15.22 -2.98
CA ALA B 85 4.20 -15.55 -1.87
C ALA B 85 5.38 -14.57 -1.78
N LEU B 86 5.06 -13.28 -1.78
CA LEU B 86 6.00 -12.19 -1.96
C LEU B 86 6.85 -11.98 -0.72
N THR B 87 8.15 -11.81 -0.87
CA THR B 87 9.11 -11.82 0.25
C THR B 87 10.28 -10.87 0.04
N PRO B 88 11.04 -10.53 1.09
CA PRO B 88 12.29 -9.81 0.93
C PRO B 88 13.23 -10.55 -0.01
N GLY B 89 14.16 -9.83 -0.62
CA GLY B 89 15.01 -10.37 -1.68
C GLY B 89 14.33 -10.46 -3.05
N ASP B 90 13.01 -10.57 -3.13
CA ASP B 90 12.30 -10.35 -4.41
C ASP B 90 12.31 -8.89 -4.83
N THR B 91 12.68 -8.00 -3.92
CA THR B 91 12.81 -6.56 -4.10
C THR B 91 13.74 -6.24 -5.25
N ALA B 92 13.23 -5.63 -6.33
CA ALA B 92 13.96 -5.46 -7.58
C ALA B 92 13.31 -4.40 -8.46
N ILE B 93 14.00 -4.01 -9.52
CA ILE B 93 13.41 -3.30 -10.63
C ILE B 93 13.02 -4.32 -11.68
N TYR B 94 11.73 -4.54 -11.84
CA TYR B 94 11.15 -5.45 -12.82
C TYR B 94 11.06 -4.72 -14.15
N TYR B 95 11.53 -5.38 -15.18
CA TYR B 95 11.43 -4.92 -16.55
C TYR B 95 10.77 -5.98 -17.41
N CYS B 96 9.80 -5.54 -18.19
CA CYS B 96 9.40 -6.22 -19.40
C CYS B 96 10.32 -5.80 -20.56
N THR B 97 10.41 -6.64 -21.59
CA THR B 97 11.36 -6.43 -22.69
C THR B 97 10.80 -6.82 -24.04
N ARG B 98 11.35 -6.21 -25.09
CA ARG B 98 10.94 -6.36 -26.49
C ARG B 98 11.95 -7.17 -27.25
N LEU B 99 11.53 -8.26 -27.86
CA LEU B 99 12.37 -9.07 -28.72
C LEU B 99 11.62 -9.39 -30.02
N GLU B 100 12.26 -9.20 -31.18
CA GLU B 100 11.59 -9.45 -32.48
C GLU B 100 12.47 -9.70 -33.72
N PRO B 101 13.61 -9.01 -33.94
CA PRO B 101 14.34 -9.10 -35.22
C PRO B 101 15.30 -10.29 -35.26
N ASP B 102 16.60 -10.06 -35.39
CA ASP B 102 17.65 -11.04 -35.12
C ASP B 102 17.82 -11.26 -33.61
N PHE B 103 16.76 -11.19 -32.83
CA PHE B 103 16.89 -11.18 -31.39
C PHE B 103 17.43 -12.47 -30.83
N LEU B 104 17.38 -13.59 -31.56
CA LEU B 104 18.10 -14.81 -31.18
C LEU B 104 19.59 -14.53 -30.97
N SER B 105 20.17 -13.61 -31.74
CA SER B 105 21.57 -13.23 -31.61
C SER B 105 21.82 -12.44 -30.33
N GLY B 106 20.75 -11.89 -29.74
CA GLY B 106 20.73 -11.46 -28.34
C GLY B 106 19.69 -10.43 -27.92
N TRP B 107 18.88 -9.91 -28.85
CA TRP B 107 18.19 -8.62 -28.73
C TRP B 107 16.99 -8.56 -27.76
N ALA B 108 17.26 -8.69 -26.46
CA ALA B 108 16.42 -8.09 -25.43
C ALA B 108 16.47 -6.55 -25.59
N HIS B 109 15.36 -5.85 -25.37
CA HIS B 109 15.24 -4.39 -25.41
C HIS B 109 14.23 -3.90 -24.37
N TRP B 110 14.23 -2.63 -24.01
CA TRP B 110 13.71 -2.22 -22.71
C TRP B 110 12.58 -1.18 -22.70
N GLY B 111 11.74 -1.30 -21.66
CA GLY B 111 10.94 -0.22 -21.09
C GLY B 111 11.62 0.42 -19.87
N LYS B 112 10.98 1.38 -19.20
CA LYS B 112 11.64 2.20 -18.17
C LYS B 112 11.90 1.53 -16.81
N GLY B 113 11.36 0.34 -16.57
CA GLY B 113 11.45 -0.40 -15.31
C GLY B 113 10.42 0.01 -14.26
N VAL B 114 10.20 -0.83 -13.27
CA VAL B 114 9.32 -0.58 -12.11
C VAL B 114 9.94 -1.17 -10.85
N LEU B 115 9.97 -0.42 -9.76
CA LEU B 115 10.54 -0.88 -8.49
C LEU B 115 9.50 -1.53 -7.59
N VAL B 116 9.82 -2.72 -7.10
CA VAL B 116 9.05 -3.46 -6.10
C VAL B 116 9.88 -3.63 -4.84
N THR B 117 9.26 -3.43 -3.68
CA THR B 117 9.93 -3.40 -2.38
C THR B 117 9.13 -4.14 -1.31
N VAL B 118 9.78 -4.82 -0.37
CA VAL B 118 9.09 -5.61 0.66
C VAL B 118 9.61 -5.26 2.03
N SER B 119 8.72 -5.03 2.99
CA SER B 119 9.08 -4.67 4.36
C SER B 119 7.99 -5.04 5.35
N PRO B 120 8.31 -5.33 6.62
CA PRO B 120 7.31 -5.38 7.68
C PRO B 120 6.63 -4.04 7.95
N ALA B 121 7.20 -2.93 7.51
CA ALA B 121 6.84 -1.59 7.94
C ALA B 121 5.53 -1.06 7.34
N SER B 122 5.10 0.09 7.85
CA SER B 122 4.06 0.97 7.32
C SER B 122 4.57 2.40 7.27
N THR B 123 3.96 3.27 6.46
CA THR B 123 4.53 4.60 6.20
C THR B 123 4.74 5.42 7.47
N LYS B 124 5.89 6.10 7.54
CA LYS B 124 6.31 6.96 8.64
C LYS B 124 6.80 8.29 8.09
N GLY B 125 6.38 9.39 8.71
CA GLY B 125 6.96 10.70 8.45
C GLY B 125 8.42 10.78 8.91
N PRO B 126 9.22 11.67 8.33
CA PRO B 126 10.66 11.69 8.55
C PRO B 126 11.03 12.10 9.98
N SER B 127 11.98 11.40 10.59
CA SER B 127 12.77 12.02 11.66
C SER B 127 13.79 12.93 11.01
N VAL B 128 13.32 14.07 10.51
CA VAL B 128 14.19 15.13 10.00
C VAL B 128 15.02 15.70 11.15
N PHE B 129 16.27 16.00 10.87
CA PHE B 129 17.20 16.48 11.87
C PHE B 129 18.28 17.37 11.24
N PRO B 130 18.51 18.57 11.74
CA PRO B 130 19.57 19.43 11.22
C PRO B 130 20.94 18.92 11.68
N LEU B 131 21.99 19.14 10.89
CA LEU B 131 23.34 18.73 11.27
C LEU B 131 24.19 19.97 11.54
N ALA B 132 24.87 19.96 12.69
CA ALA B 132 25.31 21.19 13.31
C ALA B 132 26.33 21.99 12.50
N PRO B 133 26.39 23.33 12.69
CA PRO B 133 27.49 24.20 12.29
C PRO B 133 28.66 24.02 13.27
N SER B 134 29.09 22.78 13.43
CA SER B 134 30.18 22.40 14.34
C SER B 134 31.46 23.13 13.97
N SER B 135 32.37 23.23 14.93
CA SER B 135 33.62 23.99 14.81
C SER B 135 33.41 25.49 14.53
N ARG B 136 32.21 26.04 14.77
CA ARG B 136 32.04 27.52 14.78
C ARG B 136 32.98 28.20 15.77
N SER B 137 33.37 27.44 16.80
CA SER B 137 34.43 27.70 17.76
C SER B 137 35.83 27.92 17.19
N THR B 138 36.14 27.39 16.01
CA THR B 138 37.52 27.05 15.62
C THR B 138 37.81 27.04 14.12
N SER B 139 36.83 27.16 13.21
CA SER B 139 37.10 27.12 11.76
C SER B 139 38.08 28.21 11.33
N GLU B 140 39.04 27.78 10.51
CA GLU B 140 39.99 28.60 9.76
C GLU B 140 39.32 29.46 8.67
N SER B 141 38.52 28.86 7.78
CA SER B 141 38.13 29.44 6.49
C SER B 141 37.15 28.58 5.69
N THR B 142 36.97 27.31 6.05
CA THR B 142 36.14 26.34 5.36
C THR B 142 35.26 25.58 6.34
N ALA B 143 34.16 25.05 5.80
CA ALA B 143 33.07 24.44 6.54
C ALA B 143 32.22 23.58 5.60
N ALA B 144 31.27 22.84 6.17
CA ALA B 144 30.12 22.36 5.44
C ALA B 144 28.88 22.38 6.34
N LEU B 145 27.69 22.52 5.77
CA LEU B 145 26.41 22.51 6.48
C LEU B 145 25.57 21.33 6.02
N GLY B 146 24.94 20.61 6.93
CA GLY B 146 24.23 19.36 6.67
C GLY B 146 22.80 19.30 7.19
N CYS B 147 22.03 18.39 6.65
CA CYS B 147 20.72 18.00 7.14
C CYS B 147 20.54 16.49 6.96
N LEU B 148 19.64 15.90 7.74
CA LEU B 148 19.49 14.47 7.87
C LEU B 148 18.02 14.08 7.99
N VAL B 149 17.73 12.87 7.55
CA VAL B 149 16.50 12.16 7.86
C VAL B 149 16.87 10.81 8.46
N LYS B 150 16.05 10.33 9.36
CA LYS B 150 16.08 8.98 9.93
C LYS B 150 14.65 8.46 10.02
N ASP B 151 14.49 7.15 10.01
CA ASP B 151 13.21 6.45 10.14
C ASP B 151 12.04 6.95 9.29
N TYR B 152 12.31 7.64 8.19
CA TYR B 152 11.30 7.93 7.19
C TYR B 152 10.93 6.66 6.44
N PHE B 153 9.66 6.47 6.05
CA PHE B 153 9.32 5.37 5.15
C PHE B 153 8.06 5.58 4.32
N PRO B 154 7.99 5.03 3.10
CA PRO B 154 9.08 4.48 2.28
C PRO B 154 9.73 5.55 1.38
N GLU B 155 10.99 5.33 1.03
CA GLU B 155 11.76 6.12 0.04
C GLU B 155 11.15 6.03 -1.37
N PRO B 156 11.38 7.01 -2.27
CA PRO B 156 12.40 8.06 -2.24
C PRO B 156 12.07 9.24 -1.33
N VAL B 157 12.93 10.27 -1.32
CA VAL B 157 12.76 11.57 -0.65
C VAL B 157 13.25 12.72 -1.52
N THR B 158 12.48 13.82 -1.53
CA THR B 158 12.86 15.08 -2.15
C THR B 158 13.71 15.88 -1.18
N VAL B 159 14.82 16.47 -1.61
CA VAL B 159 15.71 17.27 -0.75
C VAL B 159 16.21 18.51 -1.49
N SER B 160 16.40 19.61 -0.77
CA SER B 160 16.85 20.87 -1.32
C SER B 160 17.58 21.71 -0.29
N TRP B 161 18.34 22.69 -0.76
CA TRP B 161 19.13 23.62 0.05
C TRP B 161 18.88 25.04 -0.39
N ASN B 162 18.87 25.96 0.58
CA ASN B 162 18.32 27.29 0.42
C ASN B 162 16.91 27.19 -0.22
N SER B 163 16.14 26.15 0.14
CA SER B 163 14.87 25.78 -0.49
C SER B 163 14.93 25.75 -2.02
N GLY B 164 16.02 25.17 -2.54
CA GLY B 164 16.34 25.06 -3.96
C GLY B 164 16.92 26.32 -4.59
N SER B 165 16.84 27.48 -3.92
CA SER B 165 17.23 28.75 -4.53
C SER B 165 18.73 28.89 -4.76
N LEU B 166 19.55 28.06 -4.10
CA LEU B 166 20.97 27.94 -4.41
C LEU B 166 21.46 26.55 -4.04
N THR B 167 22.03 25.85 -5.01
CA THR B 167 22.40 24.43 -4.90
C THR B 167 23.68 24.15 -5.70
N SER B 168 24.83 24.08 -5.03
CA SER B 168 26.13 23.74 -5.61
C SER B 168 27.09 23.26 -4.53
N GLY B 169 28.16 22.56 -4.91
CA GLY B 169 29.17 22.06 -3.98
C GLY B 169 28.57 21.17 -2.89
N VAL B 170 27.67 20.26 -3.27
CA VAL B 170 26.73 19.57 -2.40
C VAL B 170 26.76 18.08 -2.66
N HIS B 171 26.66 17.28 -1.61
CA HIS B 171 26.48 15.83 -1.69
C HIS B 171 25.17 15.46 -1.03
N THR B 172 24.57 14.39 -1.53
CA THR B 172 23.21 13.96 -1.23
C THR B 172 23.26 12.48 -0.94
N PHE B 173 23.97 12.12 0.12
CA PHE B 173 24.40 10.75 0.39
C PHE B 173 23.20 9.81 0.35
N PRO B 174 23.19 8.84 -0.58
CA PRO B 174 22.00 8.04 -0.85
C PRO B 174 21.52 7.34 0.40
N ALA B 175 20.21 7.28 0.56
CA ALA B 175 19.60 6.75 1.77
C ALA B 175 19.91 5.27 1.95
N VAL B 176 19.80 4.80 3.20
CA VAL B 176 19.91 3.39 3.53
C VAL B 176 18.80 2.98 4.48
N LEU B 177 18.22 1.82 4.21
CA LEU B 177 17.23 1.17 5.03
C LEU B 177 17.91 0.62 6.30
N GLN B 178 17.55 1.18 7.44
CA GLN B 178 18.10 0.81 8.74
C GLN B 178 17.42 -0.43 9.32
N SER B 179 17.97 -0.97 10.41
CA SER B 179 17.42 -2.12 11.12
C SER B 179 16.04 -1.88 11.74
N SER B 180 15.59 -0.62 11.79
CA SER B 180 14.21 -0.24 12.07
C SER B 180 13.21 -0.68 11.00
N GLY B 181 13.68 -1.06 9.81
CA GLY B 181 12.82 -1.23 8.63
C GLY B 181 12.41 0.09 7.98
N LEU B 182 13.11 1.19 8.31
CA LEU B 182 12.82 2.54 7.87
C LEU B 182 14.13 3.23 7.42
N TYR B 183 14.05 4.34 6.70
CA TYR B 183 15.20 4.91 5.99
C TYR B 183 15.88 6.06 6.71
N SER B 184 17.20 6.15 6.51
CA SER B 184 18.02 7.30 6.87
C SER B 184 18.80 7.85 5.68
N LEU B 185 18.99 9.16 5.64
CA LEU B 185 19.53 9.93 4.54
C LEU B 185 20.29 11.14 5.12
N SER B 186 21.31 11.65 4.43
CA SER B 186 21.78 13.01 4.69
C SER B 186 22.28 13.70 3.43
N SER B 187 22.14 15.02 3.39
CA SER B 187 22.79 15.88 2.40
C SER B 187 23.59 16.95 3.10
N VAL B 188 24.70 17.36 2.48
CA VAL B 188 25.66 18.32 3.03
C VAL B 188 26.17 19.23 1.93
N VAL B 189 26.32 20.50 2.24
CA VAL B 189 26.83 21.55 1.36
C VAL B 189 28.17 22.06 1.86
N THR B 190 29.16 22.15 0.97
CA THR B 190 30.47 22.76 1.23
C THR B 190 30.42 24.28 1.25
N VAL B 191 31.15 24.90 2.18
CA VAL B 191 31.01 26.32 2.53
C VAL B 191 32.35 26.95 2.82
N PRO B 192 32.70 28.11 2.25
CA PRO B 192 33.73 28.96 2.82
C PRO B 192 33.18 29.61 4.07
N SER B 193 33.76 29.30 5.23
CA SER B 193 33.16 29.56 6.55
C SER B 193 33.05 31.03 6.92
N SER B 194 33.67 31.93 6.16
CA SER B 194 33.39 33.38 6.21
C SER B 194 31.93 33.75 5.88
N SER B 195 31.14 32.82 5.32
CA SER B 195 29.76 33.04 4.89
C SER B 195 28.79 33.34 6.04
N LEU B 196 28.57 34.61 6.39
CA LEU B 196 27.39 35.02 7.15
C LEU B 196 26.09 34.77 6.37
N GLY B 197 26.19 34.67 5.04
CA GLY B 197 25.17 34.11 4.14
C GLY B 197 24.63 32.73 4.51
N THR B 198 25.30 32.00 5.40
CA THR B 198 24.78 30.78 6.07
C THR B 198 23.40 30.96 6.68
N GLN B 199 23.02 32.20 7.07
CA GLN B 199 21.67 32.59 7.46
C GLN B 199 20.58 32.06 6.51
N THR B 200 20.92 31.94 5.22
CA THR B 200 20.04 31.57 4.11
C THR B 200 19.87 30.05 3.97
N TYR B 201 20.65 29.23 4.67
CA TYR B 201 20.85 27.82 4.29
C TYR B 201 19.75 26.90 4.84
N VAL B 202 18.51 27.20 4.50
CA VAL B 202 17.36 26.34 4.75
C VAL B 202 17.44 25.08 3.89
N CYS B 203 17.84 23.97 4.51
CA CYS B 203 17.58 22.66 3.96
C CYS B 203 16.09 22.36 4.09
N ASN B 204 15.48 21.88 3.01
CA ASN B 204 14.03 21.72 2.91
C ASN B 204 13.70 20.46 2.12
N VAL B 205 12.74 19.67 2.59
CA VAL B 205 12.67 18.23 2.30
C VAL B 205 11.22 17.76 2.22
N ASN B 206 10.92 16.82 1.32
CA ASN B 206 9.56 16.40 1.01
C ASN B 206 9.42 14.88 0.74
N HIS B 207 8.23 14.35 1.01
CA HIS B 207 8.00 12.94 1.35
C HIS B 207 6.63 12.52 0.84
N LYS B 208 6.45 12.53 -0.49
CA LYS B 208 5.16 12.24 -1.14
C LYS B 208 4.56 10.89 -0.73
N PRO B 209 5.34 9.82 -0.53
CA PRO B 209 4.81 8.55 -0.03
C PRO B 209 4.25 8.60 1.41
N SER B 210 4.45 9.71 2.13
CA SER B 210 3.83 10.01 3.43
C SER B 210 3.13 11.38 3.49
N ASN B 211 2.85 11.99 2.33
CA ASN B 211 2.29 13.33 2.18
C ASN B 211 2.90 14.38 3.14
N THR B 212 4.22 14.61 3.12
CA THR B 212 4.89 15.46 4.13
C THR B 212 6.00 16.37 3.60
N LYS B 213 6.13 17.57 4.17
CA LYS B 213 7.15 18.58 3.88
C LYS B 213 7.66 19.25 5.15
N VAL B 214 8.95 19.56 5.20
CA VAL B 214 9.69 20.07 6.38
C VAL B 214 10.92 20.90 5.99
N ASP B 215 11.46 21.69 6.93
CA ASP B 215 12.55 22.67 6.69
C ASP B 215 13.34 23.02 7.96
N LYS B 216 14.67 23.23 7.85
CA LYS B 216 15.47 23.90 8.90
C LYS B 216 16.73 24.59 8.33
N ARG B 217 17.24 25.60 9.04
CA ARG B 217 18.58 26.22 8.92
C ARG B 217 19.18 26.36 10.32
N VAL B 218 20.49 26.15 10.46
CA VAL B 218 21.22 26.28 11.74
C VAL B 218 22.54 27.05 11.56
N GLU B 219 23.08 27.59 12.65
CA GLU B 219 24.05 28.69 12.64
C GLU B 219 24.96 28.72 13.89
N GLN C 1 -21.14 -27.23 -3.18
CA GLN C 1 -21.07 -26.88 -1.75
C GLN C 1 -19.73 -26.26 -1.41
N ASP C 2 -18.62 -27.00 -1.51
CA ASP C 2 -17.36 -26.54 -0.93
C ASP C 2 -16.85 -25.27 -1.61
N LEU C 3 -16.25 -24.40 -0.81
CA LEU C 3 -16.04 -23.00 -1.14
C LEU C 3 -14.74 -22.74 -1.87
N LEU C 4 -14.76 -21.78 -2.79
CA LEU C 4 -13.56 -21.17 -3.37
C LEU C 4 -12.76 -20.44 -2.28
N LEU C 5 -11.46 -20.33 -2.46
CA LEU C 5 -10.60 -19.51 -1.61
C LEU C 5 -10.36 -18.14 -2.23
N GLN C 6 -10.50 -17.10 -1.43
CA GLN C 6 -10.32 -15.72 -1.84
C GLN C 6 -9.87 -14.93 -0.62
N SER C 7 -8.69 -14.32 -0.66
CA SER C 7 -7.96 -13.77 0.50
C SER C 7 -8.40 -12.36 0.91
N GLY C 8 -7.59 -11.68 1.73
CA GLY C 8 -7.87 -10.38 2.36
C GLY C 8 -7.51 -9.12 1.57
N ALA C 9 -7.82 -7.96 2.15
CA ALA C 9 -7.98 -6.67 1.49
C ALA C 9 -6.70 -5.89 1.15
N GLU C 10 -6.86 -4.77 0.44
CA GLU C 10 -5.80 -3.80 0.14
C GLU C 10 -6.35 -2.37 0.05
N VAL C 11 -5.52 -1.35 0.28
CA VAL C 11 -5.91 0.07 0.26
C VAL C 11 -4.98 0.91 -0.61
N ARG C 12 -5.52 1.88 -1.36
CA ARG C 12 -4.91 2.35 -2.61
C ARG C 12 -5.09 3.82 -2.89
N GLU C 13 -4.17 4.39 -3.65
CA GLU C 13 -4.31 5.72 -4.22
C GLU C 13 -5.25 5.73 -5.45
N PRO C 14 -5.92 6.85 -5.74
CA PRO C 14 -6.73 7.03 -6.95
C PRO C 14 -5.96 6.85 -8.25
N GLY C 15 -6.68 6.51 -9.31
CA GLY C 15 -6.17 6.40 -10.67
C GLY C 15 -5.26 5.19 -10.91
N ALA C 16 -4.95 4.43 -9.86
CA ALA C 16 -4.10 3.26 -9.93
C ALA C 16 -4.78 2.11 -10.68
N SER C 17 -4.05 1.02 -10.81
CA SER C 17 -4.59 -0.26 -11.26
C SER C 17 -4.27 -1.35 -10.25
N VAL C 18 -5.28 -2.15 -9.92
CA VAL C 18 -5.36 -2.93 -8.69
C VAL C 18 -6.17 -4.20 -8.92
N THR C 19 -5.88 -5.25 -8.16
CA THR C 19 -6.28 -6.62 -8.52
C THR C 19 -6.83 -7.39 -7.35
N VAL C 20 -7.68 -8.38 -7.64
CA VAL C 20 -8.07 -9.42 -6.68
C VAL C 20 -7.94 -10.78 -7.32
N SER C 21 -7.71 -11.79 -6.50
CA SER C 21 -7.39 -13.12 -6.98
C SER C 21 -8.02 -14.19 -6.10
N CYS C 22 -8.34 -15.32 -6.72
CA CYS C 22 -9.30 -16.29 -6.23
C CYS C 22 -8.94 -17.67 -6.75
N GLN C 23 -9.31 -18.73 -6.04
CA GLN C 23 -8.78 -20.08 -6.29
C GLN C 23 -9.82 -21.18 -6.10
N ALA C 24 -9.61 -22.27 -6.83
CA ALA C 24 -10.50 -23.42 -6.85
C ALA C 24 -10.57 -24.14 -5.49
N SER C 25 -11.71 -24.78 -5.25
CA SER C 25 -11.97 -25.60 -4.07
C SER C 25 -11.36 -27.02 -4.22
N ASN C 26 -11.87 -27.98 -3.47
CA ASN C 26 -11.74 -29.42 -3.74
C ASN C 26 -12.55 -29.81 -4.99
N TYR C 27 -12.10 -29.38 -6.17
CA TYR C 27 -12.97 -29.14 -7.32
C TYR C 27 -12.16 -29.22 -8.62
N THR C 28 -12.76 -29.78 -9.68
CA THR C 28 -12.29 -29.53 -11.06
C THR C 28 -12.40 -28.05 -11.38
N PHE C 29 -11.63 -27.51 -12.32
CA PHE C 29 -11.55 -26.05 -12.44
C PHE C 29 -11.52 -25.37 -13.83
N PRO C 30 -11.39 -26.02 -14.99
CA PRO C 30 -11.61 -25.33 -16.26
C PRO C 30 -13.08 -25.37 -16.72
N ASP C 31 -13.91 -26.16 -16.05
CA ASP C 31 -15.09 -26.77 -16.66
C ASP C 31 -16.34 -25.90 -16.78
N TYR C 32 -16.42 -24.81 -16.04
CA TYR C 32 -17.63 -24.02 -15.85
C TYR C 32 -17.29 -22.53 -15.78
N TYR C 33 -18.25 -21.66 -16.07
CA TYR C 33 -18.00 -20.22 -16.04
C TYR C 33 -17.70 -19.70 -14.62
N ILE C 34 -17.09 -18.53 -14.58
CA ILE C 34 -16.82 -17.70 -13.43
C ILE C 34 -17.57 -16.39 -13.61
N HIS C 35 -18.08 -15.83 -12.52
CA HIS C 35 -18.63 -14.49 -12.55
C HIS C 35 -18.03 -13.61 -11.46
N TRP C 36 -17.84 -12.34 -11.78
CA TRP C 36 -17.43 -11.33 -10.82
C TRP C 36 -18.55 -10.35 -10.53
N VAL C 37 -18.88 -10.24 -9.26
CA VAL C 37 -19.90 -9.32 -8.75
C VAL C 37 -19.26 -8.38 -7.79
N ARG C 38 -19.59 -7.11 -7.93
CA ARG C 38 -19.20 -6.06 -7.01
C ARG C 38 -20.33 -5.79 -6.02
N LEU C 39 -20.05 -5.96 -4.75
CA LEU C 39 -20.84 -5.41 -3.67
C LEU C 39 -20.33 -4.02 -3.36
N VAL C 40 -21.06 -3.00 -3.78
CA VAL C 40 -20.76 -1.59 -3.52
C VAL C 40 -21.42 -1.16 -2.20
N PRO C 41 -20.76 -0.37 -1.35
CA PRO C 41 -21.35 0.10 -0.10
C PRO C 41 -22.59 0.95 -0.30
N GLY C 42 -23.55 0.83 0.62
CA GLY C 42 -24.78 1.62 0.66
C GLY C 42 -25.73 1.41 -0.53
N GLN C 43 -25.43 0.49 -1.43
CA GLN C 43 -26.05 0.37 -2.75
C GLN C 43 -26.21 -1.10 -3.15
N GLY C 44 -27.10 -1.37 -4.11
CA GLY C 44 -27.35 -2.72 -4.61
C GLY C 44 -26.12 -3.32 -5.29
N LEU C 45 -26.01 -4.64 -5.28
CA LEU C 45 -24.93 -5.38 -5.91
C LEU C 45 -24.87 -5.12 -7.41
N GLU C 46 -23.79 -5.51 -8.05
CA GLU C 46 -23.53 -5.15 -9.43
C GLU C 46 -22.74 -6.24 -10.12
N TRP C 47 -23.29 -6.77 -11.21
CA TRP C 47 -22.57 -7.69 -12.06
C TRP C 47 -21.57 -6.92 -12.90
N LEU C 48 -20.33 -7.39 -12.92
CA LEU C 48 -19.33 -6.86 -13.84
C LEU C 48 -19.26 -7.74 -15.07
N GLY C 49 -19.08 -9.04 -14.84
CA GLY C 49 -18.53 -9.88 -15.89
C GLY C 49 -18.67 -11.36 -15.62
N GLU C 50 -18.98 -12.06 -16.70
CA GLU C 50 -18.76 -13.48 -16.88
C GLU C 50 -17.32 -13.71 -17.35
N MET C 51 -16.74 -14.85 -17.06
CA MET C 51 -15.43 -15.28 -17.53
C MET C 51 -15.43 -16.79 -17.71
N LYS C 52 -14.67 -17.32 -18.68
CA LYS C 52 -14.32 -18.74 -18.69
C LYS C 52 -12.83 -18.90 -18.85
N PRO C 53 -12.15 -19.54 -17.89
CA PRO C 53 -10.70 -19.60 -17.88
C PRO C 53 -10.14 -20.56 -18.91
N LYS C 54 -10.92 -21.60 -19.27
CA LYS C 54 -10.52 -22.65 -20.19
C LYS C 54 -9.96 -22.08 -21.49
N VAL C 55 -10.68 -21.13 -22.09
CA VAL C 55 -10.25 -20.40 -23.29
C VAL C 55 -9.66 -19.04 -22.94
N GLY C 56 -9.99 -18.49 -21.77
CA GLY C 56 -9.51 -17.17 -21.36
C GLY C 56 -10.33 -16.06 -21.99
N VAL C 57 -11.63 -16.13 -21.75
CA VAL C 57 -12.67 -15.38 -22.45
C VAL C 57 -13.68 -14.85 -21.45
N THR C 58 -14.60 -14.00 -21.89
CA THR C 58 -15.55 -13.29 -21.02
C THR C 58 -16.77 -12.77 -21.77
N ASN C 59 -17.83 -12.45 -21.05
CA ASN C 59 -18.83 -11.46 -21.46
C ASN C 59 -18.93 -10.36 -20.39
N VAL C 60 -19.07 -9.10 -20.81
CA VAL C 60 -18.66 -7.92 -20.03
C VAL C 60 -19.75 -6.88 -19.94
N SER C 61 -19.88 -6.23 -18.79
CA SER C 61 -20.72 -5.05 -18.64
C SER C 61 -20.25 -3.87 -19.47
N LYS C 62 -21.18 -3.30 -20.22
CA LYS C 62 -21.05 -2.03 -20.95
C LYS C 62 -20.74 -0.82 -20.07
N LYS C 63 -20.92 -0.92 -18.75
CA LYS C 63 -20.43 0.12 -17.83
C LYS C 63 -18.91 0.24 -17.81
N ILE C 64 -18.21 -0.82 -18.22
CA ILE C 64 -16.75 -0.89 -18.25
C ILE C 64 -16.31 -1.12 -19.69
N ARG C 65 -16.08 -2.38 -20.07
CA ARG C 65 -15.36 -2.84 -21.27
C ARG C 65 -13.98 -2.23 -21.51
N ASP C 66 -13.50 -1.40 -20.61
CA ASP C 66 -12.30 -0.59 -20.78
C ASP C 66 -11.27 -0.83 -19.66
N ARG C 67 -11.66 -0.62 -18.41
CA ARG C 67 -10.77 -0.65 -17.26
C ARG C 67 -10.47 -2.05 -16.77
N LEU C 68 -11.32 -3.02 -17.10
CA LEU C 68 -11.15 -4.39 -16.65
C LEU C 68 -10.29 -5.21 -17.58
N PHE C 69 -9.66 -6.22 -17.01
CA PHE C 69 -9.16 -7.40 -17.68
C PHE C 69 -9.29 -8.60 -16.73
N MET C 70 -9.52 -9.80 -17.25
CA MET C 70 -9.77 -10.97 -16.40
C MET C 70 -9.24 -12.22 -17.07
N THR C 71 -8.76 -13.17 -16.27
CA THR C 71 -8.39 -14.54 -16.71
C THR C 71 -8.20 -15.45 -15.48
N ALA C 72 -7.65 -16.65 -15.67
CA ALA C 72 -7.02 -17.39 -14.57
C ALA C 72 -5.69 -18.02 -14.98
N ASP C 73 -4.82 -18.27 -14.01
CA ASP C 73 -3.70 -19.17 -14.17
C ASP C 73 -4.20 -20.60 -14.41
N THR C 74 -4.03 -21.14 -15.61
CA THR C 74 -4.49 -22.49 -15.93
C THR C 74 -3.72 -23.58 -15.18
N SER C 75 -2.61 -23.24 -14.50
CA SER C 75 -1.86 -24.17 -13.67
C SER C 75 -2.56 -24.50 -12.35
N THR C 76 -3.51 -23.68 -11.94
CA THR C 76 -4.20 -23.78 -10.65
C THR C 76 -5.67 -23.37 -10.71
N ASP C 77 -6.11 -22.89 -11.87
CA ASP C 77 -7.26 -22.00 -11.99
C ASP C 77 -7.23 -20.92 -10.93
N THR C 78 -6.09 -20.27 -10.70
CA THR C 78 -6.07 -19.07 -9.89
C THR C 78 -6.60 -17.92 -10.72
N ALA C 79 -7.87 -17.62 -10.52
CA ALA C 79 -8.52 -16.48 -11.10
C ALA C 79 -7.80 -15.19 -10.72
N TYR C 80 -7.72 -14.28 -11.67
CA TYR C 80 -7.28 -12.92 -11.48
C TYR C 80 -8.31 -12.00 -12.08
N MET C 81 -8.57 -10.91 -11.37
CA MET C 81 -9.30 -9.80 -11.90
C MET C 81 -8.45 -8.55 -11.75
N VAL C 82 -8.32 -7.80 -12.83
CA VAL C 82 -7.56 -6.58 -12.91
C VAL C 82 -8.49 -5.44 -13.22
N LEU C 83 -8.49 -4.42 -12.38
CA LEU C 83 -9.15 -3.16 -12.64
C LEU C 83 -8.11 -2.04 -12.80
N SER C 84 -8.46 -0.97 -13.49
CA SER C 84 -7.55 0.15 -13.77
C SER C 84 -8.24 1.50 -13.64
N ALA C 85 -7.44 2.58 -13.54
CA ALA C 85 -7.92 3.95 -13.33
C ALA C 85 -8.90 4.07 -12.15
N LEU C 86 -8.58 3.42 -11.02
CA LEU C 86 -9.53 3.23 -9.93
C LEU C 86 -9.96 4.56 -9.29
N THR C 87 -11.26 4.82 -9.24
CA THR C 87 -11.85 5.95 -8.50
C THR C 87 -12.16 5.55 -7.05
N PRO C 88 -12.18 6.48 -6.09
CA PRO C 88 -12.83 6.29 -4.80
C PRO C 88 -14.20 5.63 -4.89
N GLY C 89 -14.98 5.94 -5.93
CA GLY C 89 -16.25 5.28 -6.20
C GLY C 89 -16.15 3.75 -6.35
N ASP C 90 -15.04 3.21 -6.81
CA ASP C 90 -14.84 1.76 -6.93
C ASP C 90 -14.64 1.07 -5.59
N THR C 91 -14.53 1.81 -4.49
CA THR C 91 -14.31 1.24 -3.17
C THR C 91 -15.44 0.33 -2.79
N ALA C 92 -15.16 -0.96 -2.74
CA ALA C 92 -16.18 -1.99 -2.76
C ALA C 92 -15.61 -3.34 -2.36
N ILE C 93 -16.49 -4.33 -2.24
CA ILE C 93 -16.13 -5.69 -1.95
C ILE C 93 -16.38 -6.52 -3.20
N TYR C 94 -15.38 -7.30 -3.62
CA TYR C 94 -15.40 -8.03 -4.88
C TYR C 94 -15.58 -9.52 -4.61
N TYR C 95 -16.55 -10.14 -5.25
CA TYR C 95 -16.95 -11.50 -4.97
C TYR C 95 -16.67 -12.41 -6.17
N CYS C 96 -15.87 -13.45 -5.94
CA CYS C 96 -15.52 -14.46 -6.93
C CYS C 96 -16.59 -15.57 -6.99
N THR C 97 -17.32 -15.70 -8.09
CA THR C 97 -18.41 -16.67 -8.25
C THR C 97 -17.99 -17.76 -9.21
N ARG C 98 -18.27 -19.01 -8.84
CA ARG C 98 -18.40 -20.10 -9.83
C ARG C 98 -19.66 -19.92 -10.68
N LEU C 99 -19.96 -20.88 -11.53
CA LEU C 99 -21.32 -21.17 -11.95
C LEU C 99 -21.56 -22.68 -11.94
N GLU C 100 -22.79 -23.08 -11.59
CA GLU C 100 -23.16 -24.46 -11.30
C GLU C 100 -23.82 -25.08 -12.54
N PRO C 101 -23.33 -26.19 -13.08
CA PRO C 101 -23.73 -26.74 -14.38
C PRO C 101 -25.24 -26.87 -14.71
N ASP C 102 -26.13 -26.85 -13.73
CA ASP C 102 -27.56 -26.68 -13.88
C ASP C 102 -28.03 -25.37 -13.26
N PHE C 103 -27.67 -25.17 -12.00
CA PHE C 103 -28.22 -24.07 -11.25
C PHE C 103 -27.81 -22.71 -11.77
N LEU C 104 -26.75 -22.61 -12.56
CA LEU C 104 -26.39 -21.41 -13.29
C LEU C 104 -27.45 -20.93 -14.26
N SER C 105 -28.40 -21.77 -14.64
CA SER C 105 -29.58 -21.29 -15.35
C SER C 105 -30.35 -20.25 -14.52
N GLY C 106 -30.10 -20.25 -13.20
CA GLY C 106 -30.20 -19.13 -12.28
C GLY C 106 -28.81 -18.53 -11.94
N TRP C 107 -28.06 -19.11 -10.98
CA TRP C 107 -26.77 -18.61 -10.46
C TRP C 107 -25.90 -19.71 -9.81
N ALA C 108 -24.93 -19.39 -8.95
CA ALA C 108 -24.22 -20.34 -8.08
C ALA C 108 -23.56 -19.69 -6.85
N HIS C 109 -23.15 -20.46 -5.85
CA HIS C 109 -22.50 -19.89 -4.66
C HIS C 109 -21.06 -19.41 -4.95
N TRP C 110 -20.51 -18.61 -4.05
CA TRP C 110 -19.21 -17.96 -4.16
C TRP C 110 -18.19 -18.50 -3.18
N GLY C 111 -16.94 -18.02 -3.28
CA GLY C 111 -16.03 -17.94 -2.14
C GLY C 111 -16.31 -16.70 -1.28
N LYS C 112 -15.39 -16.35 -0.38
CA LYS C 112 -15.48 -15.16 0.47
C LYS C 112 -15.04 -13.90 -0.28
N GLY C 113 -15.94 -12.97 -0.57
CA GLY C 113 -15.59 -11.71 -1.22
C GLY C 113 -14.64 -10.81 -0.41
N VAL C 114 -13.89 -9.94 -1.11
CA VAL C 114 -12.77 -9.18 -0.54
C VAL C 114 -12.92 -7.68 -0.74
N LEU C 115 -12.57 -6.89 0.27
CA LEU C 115 -12.61 -5.45 0.23
C LEU C 115 -11.39 -4.86 -0.47
N VAL C 116 -11.57 -3.78 -1.22
CA VAL C 116 -10.50 -2.88 -1.63
C VAL C 116 -11.02 -1.45 -1.61
N THR C 117 -10.17 -0.49 -1.31
CA THR C 117 -10.58 0.87 -0.99
C THR C 117 -9.59 1.90 -1.48
N VAL C 118 -10.09 3.03 -1.97
CA VAL C 118 -9.30 3.96 -2.76
C VAL C 118 -9.44 5.39 -2.25
N SER C 119 -8.32 6.05 -1.98
CA SER C 119 -8.27 7.37 -1.38
C SER C 119 -6.84 7.92 -1.40
N PRO C 120 -6.61 9.24 -1.47
CA PRO C 120 -5.29 9.83 -1.32
C PRO C 120 -4.71 9.68 0.10
N ALA C 121 -5.42 9.05 1.03
CA ALA C 121 -4.99 8.86 2.40
C ALA C 121 -3.65 8.11 2.56
N SER C 122 -3.15 8.11 3.80
CA SER C 122 -1.98 7.35 4.23
C SER C 122 -2.14 6.91 5.70
N THR C 123 -1.37 5.93 6.15
CA THR C 123 -1.55 5.33 7.48
C THR C 123 -1.49 6.34 8.63
N LYS C 124 -2.37 6.17 9.61
CA LYS C 124 -2.35 6.88 10.90
C LYS C 124 -2.85 5.94 11.99
N GLY C 125 -2.10 5.81 13.08
CA GLY C 125 -2.65 5.34 14.35
C GLY C 125 -3.67 6.34 14.90
N PRO C 126 -4.69 5.87 15.61
CA PRO C 126 -5.78 6.74 16.03
C PRO C 126 -5.32 7.76 17.08
N SER C 127 -5.92 8.93 17.11
CA SER C 127 -6.00 9.70 18.36
C SER C 127 -7.10 9.12 19.23
N VAL C 128 -6.92 9.12 20.54
CA VAL C 128 -7.78 8.37 21.48
C VAL C 128 -7.99 9.13 22.79
N PHE C 129 -9.21 9.08 23.32
CA PHE C 129 -9.67 9.87 24.48
C PHE C 129 -10.78 9.17 25.25
N PRO C 130 -11.00 9.48 26.53
CA PRO C 130 -12.27 9.16 27.19
C PRO C 130 -13.42 9.93 26.54
N LEU C 131 -14.66 9.63 26.91
CA LEU C 131 -15.86 10.35 26.46
C LEU C 131 -16.80 10.68 27.60
N ALA C 132 -17.39 9.65 28.22
CA ALA C 132 -18.53 9.73 29.14
C ALA C 132 -18.53 10.92 30.14
N PRO C 133 -17.41 11.35 30.73
CA PRO C 133 -16.22 10.53 31.01
C PRO C 133 -16.45 9.77 32.32
N SER C 134 -17.14 10.41 33.24
CA SER C 134 -17.91 9.86 34.36
C SER C 134 -19.09 10.80 34.60
N SER C 135 -20.17 10.34 35.26
CA SER C 135 -21.22 11.26 35.71
C SER C 135 -20.65 12.17 36.80
N ARG C 136 -20.54 13.47 36.52
CA ARG C 136 -20.09 14.42 37.53
C ARG C 136 -21.14 14.51 38.65
N SER C 137 -22.42 14.44 38.28
CA SER C 137 -23.54 13.98 39.12
C SER C 137 -24.79 13.75 38.27
N THR C 138 -25.62 12.76 38.61
CA THR C 138 -26.94 12.53 37.99
C THR C 138 -27.91 11.77 38.91
N SER C 139 -29.05 11.33 38.36
CA SER C 139 -29.90 10.27 38.91
C SER C 139 -29.18 8.91 38.86
N GLU C 140 -28.18 8.75 39.73
CA GLU C 140 -27.27 7.61 39.71
C GLU C 140 -28.03 6.29 39.85
N SER C 141 -27.75 5.38 38.92
CA SER C 141 -28.48 4.14 38.69
C SER C 141 -27.61 3.27 37.78
N THR C 142 -27.54 3.64 36.51
CA THR C 142 -26.45 3.32 35.59
C THR C 142 -25.96 4.63 34.98
N ALA C 143 -24.72 4.61 34.50
CA ALA C 143 -24.29 5.51 33.45
C ALA C 143 -23.52 4.66 32.45
N ALA C 144 -22.58 5.22 31.71
CA ALA C 144 -21.73 4.43 30.83
C ALA C 144 -20.28 4.86 30.87
N LEU C 145 -19.41 3.91 30.56
CA LEU C 145 -18.06 4.17 30.08
C LEU C 145 -18.12 4.65 28.64
N GLY C 146 -17.14 5.42 28.19
CA GLY C 146 -17.01 5.71 26.76
C GLY C 146 -15.62 6.15 26.36
N CYS C 147 -15.21 5.80 25.15
CA CYS C 147 -13.92 6.15 24.57
C CYS C 147 -14.03 6.43 23.08
N LEU C 148 -13.11 7.25 22.59
CA LEU C 148 -13.09 7.82 21.25
C LEU C 148 -11.93 7.26 20.46
N VAL C 149 -12.18 6.88 19.21
CA VAL C 149 -11.13 6.70 18.20
C VAL C 149 -11.36 7.74 17.11
N LYS C 150 -10.32 8.47 16.73
CA LYS C 150 -10.41 9.60 15.80
C LYS C 150 -9.10 9.70 15.00
N ASP C 151 -9.11 10.43 13.89
CA ASP C 151 -7.92 10.78 13.11
C ASP C 151 -7.13 9.58 12.58
N TYR C 152 -7.87 8.56 12.20
CA TYR C 152 -7.39 7.19 12.10
C TYR C 152 -7.39 6.71 10.66
N PHE C 153 -6.40 5.93 10.21
CA PHE C 153 -6.48 5.29 8.90
C PHE C 153 -5.53 4.11 8.73
N PRO C 154 -5.90 3.10 7.95
CA PRO C 154 -7.25 2.79 7.50
C PRO C 154 -8.04 2.13 8.62
N GLU C 155 -9.36 2.13 8.50
CA GLU C 155 -10.22 1.16 9.19
C GLU C 155 -9.93 -0.29 8.73
N PRO C 156 -10.34 -1.36 9.46
CA PRO C 156 -11.04 -1.37 10.75
C PRO C 156 -10.11 -1.12 11.94
N VAL C 157 -10.63 -1.15 13.16
CA VAL C 157 -9.84 -1.19 14.42
C VAL C 157 -10.33 -2.34 15.27
N THR C 158 -9.51 -2.80 16.21
CA THR C 158 -9.89 -3.75 17.25
C THR C 158 -10.00 -3.05 18.59
N VAL C 159 -11.03 -3.37 19.39
CA VAL C 159 -11.30 -2.69 20.66
C VAL C 159 -11.93 -3.63 21.69
N SER C 160 -11.67 -3.36 22.97
CA SER C 160 -12.13 -4.10 24.14
C SER C 160 -12.05 -3.22 25.41
N TRP C 161 -12.64 -3.64 26.52
CA TRP C 161 -12.67 -2.86 27.77
C TRP C 161 -12.19 -3.68 28.96
N ASN C 162 -11.36 -3.08 29.81
CA ASN C 162 -10.52 -3.78 30.79
C ASN C 162 -9.86 -5.00 30.13
N SER C 163 -9.23 -4.77 28.98
CA SER C 163 -8.66 -5.76 28.06
C SER C 163 -9.64 -6.80 27.54
N GLY C 164 -10.92 -6.44 27.46
CA GLY C 164 -12.00 -7.37 27.15
C GLY C 164 -12.35 -8.30 28.29
N SER C 165 -11.87 -8.06 29.50
CA SER C 165 -12.39 -8.73 30.70
C SER C 165 -13.86 -8.35 30.89
N LEU C 166 -14.20 -7.11 30.54
CA LEU C 166 -15.58 -6.63 30.45
C LEU C 166 -16.16 -6.90 29.05
N THR C 167 -17.41 -7.36 29.01
CA THR C 167 -18.12 -7.73 27.76
C THR C 167 -19.60 -7.34 27.75
N SER C 168 -20.32 -7.52 28.86
CA SER C 168 -21.74 -7.14 28.96
C SER C 168 -21.94 -5.62 28.84
N GLY C 169 -23.00 -5.20 28.16
CA GLY C 169 -23.32 -3.78 27.93
C GLY C 169 -22.34 -3.03 27.02
N VAL C 170 -21.33 -3.70 26.46
CA VAL C 170 -20.35 -3.07 25.56
C VAL C 170 -20.95 -2.92 24.17
N HIS C 171 -20.74 -1.77 23.56
CA HIS C 171 -21.10 -1.50 22.18
C HIS C 171 -19.99 -0.73 21.46
N THR C 172 -20.06 -0.76 20.14
CA THR C 172 -19.05 -0.20 19.24
C THR C 172 -19.76 0.35 18.02
N PHE C 173 -19.73 1.66 17.86
CA PHE C 173 -20.34 2.30 16.71
C PHE C 173 -19.53 2.02 15.44
N PRO C 174 -20.21 1.65 14.33
CA PRO C 174 -19.60 1.57 13.02
C PRO C 174 -18.92 2.86 12.60
N ALA C 175 -17.89 2.72 11.77
CA ALA C 175 -16.96 3.78 11.47
C ALA C 175 -17.58 4.94 10.66
N VAL C 176 -17.02 6.12 10.82
CA VAL C 176 -17.39 7.35 10.11
C VAL C 176 -16.15 7.92 9.44
N LEU C 177 -16.26 8.22 8.14
CA LEU C 177 -15.26 9.04 7.46
C LEU C 177 -15.29 10.48 7.96
N GLN C 178 -14.17 10.93 8.50
CA GLN C 178 -13.84 12.34 8.65
C GLN C 178 -13.61 12.94 7.25
N SER C 179 -13.85 14.23 7.05
CA SER C 179 -13.72 14.85 5.72
C SER C 179 -12.28 14.83 5.16
N SER C 180 -11.29 14.66 6.02
CA SER C 180 -9.88 14.43 5.66
C SER C 180 -9.64 13.04 5.05
N GLY C 181 -10.64 12.18 5.00
CA GLY C 181 -10.52 10.78 4.61
C GLY C 181 -10.08 9.85 5.74
N LEU C 182 -9.76 10.41 6.91
CA LEU C 182 -9.51 9.63 8.12
C LEU C 182 -10.81 9.06 8.71
N TYR C 183 -10.71 8.29 9.78
CA TYR C 183 -11.83 7.65 10.44
C TYR C 183 -11.98 8.10 11.88
N SER C 184 -13.23 8.12 12.33
CA SER C 184 -13.56 8.02 13.74
C SER C 184 -14.44 6.82 13.98
N LEU C 185 -14.27 6.23 15.16
CA LEU C 185 -15.08 5.17 15.73
C LEU C 185 -15.29 5.49 17.22
N SER C 186 -16.22 4.81 17.89
CA SER C 186 -16.34 4.94 19.33
C SER C 186 -16.86 3.67 20.00
N SER C 187 -16.49 3.47 21.26
CA SER C 187 -17.02 2.42 22.10
C SER C 187 -17.53 2.96 23.42
N VAL C 188 -18.51 2.28 23.96
CA VAL C 188 -19.33 2.67 25.11
C VAL C 188 -19.73 1.41 25.88
N VAL C 189 -19.91 1.54 27.19
CA VAL C 189 -20.38 0.42 28.02
C VAL C 189 -21.34 0.93 29.09
N THR C 190 -22.62 0.59 29.00
CA THR C 190 -23.57 0.99 30.06
C THR C 190 -23.34 0.13 31.29
N VAL C 191 -23.14 0.76 32.45
CA VAL C 191 -22.71 0.09 33.69
C VAL C 191 -23.40 0.72 34.91
N PRO C 192 -23.67 -0.02 36.00
CA PRO C 192 -24.27 0.54 37.20
C PRO C 192 -23.42 1.64 37.80
N SER C 193 -24.05 2.71 38.27
CA SER C 193 -23.36 3.83 38.90
C SER C 193 -22.56 3.41 40.13
N SER C 194 -23.05 2.44 40.91
CA SER C 194 -22.29 1.84 42.03
C SER C 194 -20.97 1.24 41.56
N SER C 195 -20.98 0.41 40.52
CA SER C 195 -19.79 -0.17 39.91
C SER C 195 -18.85 0.91 39.38
N LEU C 196 -19.40 1.90 38.65
CA LEU C 196 -18.64 3.01 38.05
C LEU C 196 -17.95 3.89 39.09
N GLY C 197 -18.61 4.15 40.22
CA GLY C 197 -18.07 4.89 41.36
C GLY C 197 -17.11 4.07 42.24
N THR C 198 -16.53 2.98 41.70
CA THR C 198 -15.78 1.98 42.49
C THR C 198 -14.60 1.39 41.73
N GLN C 199 -14.84 0.62 40.67
CA GLN C 199 -13.80 -0.07 39.90
C GLN C 199 -13.05 0.89 38.96
N THR C 200 -11.84 0.54 38.54
CA THR C 200 -11.09 1.26 37.51
C THR C 200 -11.39 0.71 36.12
N TYR C 201 -11.53 1.60 35.16
CA TYR C 201 -11.94 1.24 33.81
C TYR C 201 -11.03 1.81 32.75
N VAL C 202 -10.80 1.01 31.72
CA VAL C 202 -9.90 1.32 30.63
C VAL C 202 -10.47 0.81 29.31
N CYS C 203 -10.31 1.58 28.25
CA CYS C 203 -10.66 1.19 26.88
C CYS C 203 -9.38 0.79 26.15
N ASN C 204 -9.34 -0.42 25.62
CA ASN C 204 -8.16 -1.08 25.12
C ASN C 204 -8.32 -1.29 23.62
N VAL C 205 -7.44 -0.67 22.85
CA VAL C 205 -7.61 -0.43 21.42
C VAL C 205 -6.34 -0.83 20.69
N ASN C 206 -6.46 -1.48 19.52
CA ASN C 206 -5.32 -1.95 18.74
C ASN C 206 -5.60 -1.98 17.24
N HIS C 207 -4.55 -1.77 16.43
CA HIS C 207 -4.59 -2.02 14.99
C HIS C 207 -3.20 -2.14 14.35
N LYS C 208 -3.15 -2.86 13.24
CA LYS C 208 -2.12 -2.78 12.20
C LYS C 208 -2.84 -2.46 10.89
N PRO C 209 -2.32 -1.56 10.03
CA PRO C 209 -0.92 -1.15 9.95
C PRO C 209 -0.45 0.00 10.84
N SER C 210 -1.26 0.55 11.73
CA SER C 210 -0.72 1.53 12.69
C SER C 210 0.26 0.91 13.68
N ASN C 211 0.16 -0.41 13.88
CA ASN C 211 0.98 -1.20 14.80
C ASN C 211 0.91 -0.61 16.21
N THR C 212 -0.24 -0.06 16.57
CA THR C 212 -0.40 0.85 17.72
C THR C 212 -1.43 0.30 18.68
N LYS C 213 -1.10 0.30 19.97
CA LYS C 213 -2.03 0.04 21.06
C LYS C 213 -2.33 1.35 21.78
N VAL C 214 -3.56 1.52 22.25
CA VAL C 214 -3.87 2.48 23.32
C VAL C 214 -4.72 1.80 24.38
N ASP C 215 -4.46 2.09 25.64
CA ASP C 215 -5.22 1.58 26.78
C ASP C 215 -5.64 2.77 27.66
N LYS C 216 -6.65 3.51 27.21
CA LYS C 216 -7.08 4.77 27.82
C LYS C 216 -7.88 4.50 29.08
N ARG C 217 -7.29 4.76 30.24
CA ARG C 217 -7.95 4.72 31.55
C ARG C 217 -8.90 5.93 31.65
N VAL C 218 -10.09 5.74 32.22
CA VAL C 218 -11.20 6.71 32.12
C VAL C 218 -11.74 7.13 33.49
N GLU C 219 -11.96 8.43 33.67
CA GLU C 219 -12.84 9.09 34.65
C GLU C 219 -13.17 10.52 34.18
N GLU D 1 -30.50 -1.52 -17.72
CA GLU D 1 -31.79 -1.23 -18.40
C GLU D 1 -32.92 -2.15 -17.95
N ILE D 2 -32.70 -3.46 -17.83
CA ILE D 2 -33.74 -4.39 -17.39
C ILE D 2 -34.22 -3.97 -16.01
N VAL D 3 -35.53 -3.72 -15.90
CA VAL D 3 -36.12 -3.24 -14.66
C VAL D 3 -36.07 -4.35 -13.62
N MET D 4 -35.69 -4.02 -12.39
CA MET D 4 -36.05 -4.84 -11.25
C MET D 4 -36.40 -3.98 -10.03
N THR D 5 -37.69 -3.73 -9.86
CA THR D 5 -38.24 -3.14 -8.64
C THR D 5 -38.38 -4.22 -7.59
N GLN D 6 -37.68 -4.11 -6.46
CA GLN D 6 -37.81 -5.03 -5.34
C GLN D 6 -38.44 -4.29 -4.16
N THR D 7 -39.52 -4.78 -3.56
CA THR D 7 -40.25 -4.07 -2.50
C THR D 7 -40.99 -5.05 -1.56
N PRO D 8 -41.36 -4.73 -0.30
CA PRO D 8 -41.00 -3.54 0.50
C PRO D 8 -39.51 -3.24 0.52
N LEU D 9 -39.13 -1.96 0.47
CA LEU D 9 -37.70 -1.60 0.48
C LEU D 9 -37.03 -2.00 1.80
N SER D 10 -37.81 -1.95 2.87
CA SER D 10 -37.46 -2.43 4.18
C SER D 10 -38.67 -3.01 4.88
N LEU D 11 -38.42 -3.88 5.84
CA LEU D 11 -39.40 -4.68 6.53
C LEU D 11 -38.91 -4.94 7.94
N SER D 12 -39.80 -4.81 8.90
CA SER D 12 -39.60 -5.23 10.28
C SER D 12 -40.80 -6.05 10.76
N VAL D 13 -40.60 -7.22 11.38
CA VAL D 13 -41.67 -8.19 11.64
C VAL D 13 -41.40 -9.08 12.85
N THR D 14 -42.43 -9.61 13.51
CA THR D 14 -42.27 -10.46 14.70
C THR D 14 -42.11 -11.95 14.38
N PRO D 15 -41.52 -12.73 15.30
CA PRO D 15 -41.23 -14.15 15.09
C PRO D 15 -42.45 -15.05 14.90
N GLY D 16 -42.37 -15.93 13.93
CA GLY D 16 -43.42 -16.89 13.57
C GLY D 16 -44.42 -16.39 12.52
N GLU D 17 -44.34 -15.12 12.13
CA GLU D 17 -45.28 -14.50 11.19
C GLU D 17 -45.07 -14.93 9.73
N PRO D 18 -46.09 -14.78 8.87
CA PRO D 18 -45.90 -14.74 7.42
C PRO D 18 -45.32 -13.40 6.95
N ALA D 19 -44.48 -13.40 5.92
CA ALA D 19 -44.05 -12.18 5.23
C ALA D 19 -43.71 -12.41 3.76
N SER D 20 -43.83 -11.38 2.93
CA SER D 20 -43.73 -11.47 1.47
C SER D 20 -42.99 -10.31 0.83
N LEU D 21 -42.32 -10.59 -0.29
CA LEU D 21 -41.46 -9.65 -1.01
C LEU D 21 -41.75 -9.73 -2.50
N SER D 22 -41.81 -8.60 -3.20
CA SER D 22 -42.18 -8.52 -4.61
C SER D 22 -41.08 -7.96 -5.49
N CYS D 23 -40.84 -8.64 -6.61
CA CYS D 23 -39.92 -8.27 -7.65
C CYS D 23 -40.70 -8.00 -8.94
N ARG D 24 -40.59 -6.81 -9.54
CA ARG D 24 -41.28 -6.45 -10.79
C ARG D 24 -40.30 -5.99 -11.86
N SER D 25 -40.61 -6.33 -13.11
CA SER D 25 -39.70 -6.18 -14.25
C SER D 25 -40.41 -5.75 -15.54
N SER D 26 -39.60 -5.36 -16.52
CA SER D 26 -40.00 -4.88 -17.84
C SER D 26 -40.32 -5.99 -18.84
N ALA D 27 -39.88 -7.23 -18.61
CA ALA D 27 -39.88 -8.28 -19.62
C ALA D 27 -39.96 -9.69 -19.04
N SER D 28 -39.96 -10.69 -19.93
CA SER D 28 -39.62 -12.08 -19.63
C SER D 28 -38.11 -12.26 -19.45
N LEU D 29 -37.68 -13.32 -18.76
CA LEU D 29 -36.41 -13.30 -18.01
C LEU D 29 -35.46 -14.48 -18.26
N LEU D 30 -35.13 -14.71 -19.53
CA LEU D 30 -34.36 -15.88 -19.98
C LEU D 30 -33.04 -15.52 -20.69
N HIS D 31 -32.01 -16.37 -20.56
CA HIS D 31 -30.85 -16.40 -21.47
C HIS D 31 -31.22 -17.02 -22.83
N GLY D 32 -32.25 -17.87 -22.87
CA GLY D 32 -32.75 -18.51 -24.09
C GLY D 32 -33.86 -19.52 -23.83
N ASN D 33 -34.16 -20.32 -24.85
CA ASN D 33 -35.20 -21.37 -24.87
C ASN D 33 -36.65 -20.87 -24.77
N GLY D 34 -36.85 -19.59 -24.49
CA GLY D 34 -38.05 -19.15 -23.80
C GLY D 34 -38.05 -19.57 -22.31
N ASN D 35 -37.02 -20.25 -21.81
CA ASN D 35 -37.06 -21.08 -20.60
C ASN D 35 -35.74 -21.15 -19.85
N THR D 36 -35.41 -20.05 -19.18
CA THR D 36 -34.59 -19.94 -17.97
C THR D 36 -35.17 -18.75 -17.19
N TYR D 37 -35.08 -18.72 -15.86
CA TYR D 37 -35.89 -17.81 -15.04
C TYR D 37 -35.32 -17.49 -13.66
N LEU D 38 -35.94 -16.50 -13.01
CA LEU D 38 -35.48 -15.79 -11.83
C LEU D 38 -35.18 -16.62 -10.59
N HIS D 39 -34.43 -16.01 -9.69
CA HIS D 39 -33.84 -16.59 -8.51
C HIS D 39 -33.72 -15.53 -7.41
N TRP D 40 -33.70 -15.93 -6.15
CA TRP D 40 -33.68 -15.05 -4.99
C TRP D 40 -32.71 -15.55 -3.94
N TYR D 41 -32.17 -14.63 -3.15
CA TYR D 41 -31.04 -14.89 -2.26
C TYR D 41 -30.92 -13.87 -1.14
N LEU D 42 -30.30 -14.32 -0.04
CA LEU D 42 -30.14 -13.61 1.22
C LEU D 42 -28.68 -13.31 1.50
N ARG D 43 -28.34 -12.06 1.78
CA ARG D 43 -27.00 -11.61 2.15
C ARG D 43 -27.05 -11.00 3.55
N LYS D 44 -26.04 -11.26 4.35
CA LYS D 44 -25.95 -10.88 5.77
C LYS D 44 -24.58 -10.28 6.09
N ALA D 45 -23.92 -10.72 7.16
CA ALA D 45 -22.64 -10.25 7.67
C ALA D 45 -21.44 -10.58 6.77
N GLY D 46 -21.44 -10.08 5.55
CA GLY D 46 -20.31 -10.14 4.63
C GLY D 46 -20.05 -11.49 3.98
N GLN D 47 -20.72 -12.56 4.40
CA GLN D 47 -20.76 -13.79 3.60
C GLN D 47 -21.32 -13.46 2.23
N SER D 48 -21.04 -14.28 1.21
CA SER D 48 -21.77 -14.12 -0.03
C SER D 48 -23.27 -14.30 0.21
N PRO D 49 -24.12 -13.92 -0.74
CA PRO D 49 -25.52 -14.28 -0.66
C PRO D 49 -25.70 -15.79 -0.60
N GLN D 50 -26.80 -16.23 -0.03
CA GLN D 50 -27.22 -17.60 0.06
C GLN D 50 -28.44 -17.77 -0.82
N LEU D 51 -28.37 -18.68 -1.78
CA LEU D 51 -29.44 -18.83 -2.76
C LEU D 51 -30.66 -19.50 -2.11
N LEU D 52 -31.86 -19.05 -2.46
CA LEU D 52 -33.13 -19.48 -1.89
C LEU D 52 -34.09 -20.00 -2.96
N ILE D 53 -34.32 -19.19 -3.98
CA ILE D 53 -34.94 -19.64 -5.23
C ILE D 53 -33.87 -19.70 -6.28
N PHE D 54 -33.93 -20.77 -7.06
CA PHE D 54 -33.16 -21.06 -8.24
C PHE D 54 -33.89 -20.68 -9.54
N GLY D 55 -35.21 -20.84 -9.57
CA GLY D 55 -35.97 -20.74 -10.81
C GLY D 55 -37.46 -20.56 -10.54
N GLY D 56 -37.88 -19.35 -10.22
CA GLY D 56 -39.26 -18.98 -9.90
C GLY D 56 -39.80 -19.73 -8.69
N SER D 57 -40.46 -20.85 -8.94
CA SER D 57 -40.90 -21.77 -7.91
C SER D 57 -39.76 -22.60 -7.31
N LYS D 58 -38.67 -22.86 -8.07
CA LYS D 58 -37.61 -23.80 -7.68
C LYS D 58 -36.89 -23.33 -6.44
N ARG D 59 -37.19 -23.99 -5.32
CA ARG D 59 -36.48 -23.92 -4.05
C ARG D 59 -35.07 -24.49 -4.20
N VAL D 60 -34.10 -23.80 -3.64
CA VAL D 60 -32.70 -24.24 -3.62
C VAL D 60 -32.54 -25.49 -2.75
N PRO D 61 -31.77 -26.50 -3.18
CA PRO D 61 -31.61 -27.74 -2.42
C PRO D 61 -31.06 -27.48 -1.02
N GLY D 62 -31.63 -28.17 -0.04
CA GLY D 62 -31.17 -28.20 1.34
C GLY D 62 -31.40 -26.91 2.13
N ILE D 63 -32.04 -25.91 1.55
CA ILE D 63 -32.32 -24.62 2.20
C ILE D 63 -33.43 -24.77 3.26
N SER D 64 -33.91 -23.66 3.79
CA SER D 64 -35.03 -23.62 4.74
C SER D 64 -36.33 -24.26 4.21
N ASP D 65 -37.34 -24.28 5.09
CA ASP D 65 -38.73 -24.30 4.69
C ASP D 65 -39.08 -23.09 3.79
N ARG D 66 -40.24 -23.16 3.16
CA ARG D 66 -40.62 -22.36 1.99
C ARG D 66 -40.65 -20.83 2.17
N PHE D 67 -39.62 -20.16 1.67
CA PHE D 67 -39.70 -18.75 1.22
C PHE D 67 -40.47 -18.57 -0.10
N ILE D 68 -40.94 -19.67 -0.70
CA ILE D 68 -41.28 -19.76 -2.13
C ILE D 68 -42.26 -18.67 -2.57
N GLY D 69 -42.17 -18.27 -3.83
CA GLY D 69 -42.98 -17.22 -4.42
C GLY D 69 -43.77 -17.63 -5.66
N SER D 70 -44.40 -16.64 -6.28
CA SER D 70 -45.19 -16.81 -7.50
C SER D 70 -45.26 -15.52 -8.34
N GLY D 71 -45.73 -15.66 -9.57
CA GLY D 71 -45.73 -14.66 -10.65
C GLY D 71 -45.06 -15.21 -11.91
N ALA D 72 -44.90 -14.40 -12.95
CA ALA D 72 -43.97 -14.63 -14.05
C ALA D 72 -43.50 -13.29 -14.68
N GLY D 73 -42.33 -13.31 -15.32
CA GLY D 73 -41.85 -12.21 -16.17
C GLY D 73 -41.83 -10.86 -15.45
N THR D 74 -42.75 -9.99 -15.83
CA THR D 74 -42.94 -8.67 -15.20
C THR D 74 -43.32 -8.71 -13.72
N ASN D 75 -43.72 -9.87 -13.21
CA ASN D 75 -44.18 -10.08 -11.85
C ASN D 75 -43.50 -11.28 -11.19
N PHE D 76 -42.99 -11.12 -9.98
CA PHE D 76 -42.80 -12.25 -9.08
C PHE D 76 -42.84 -11.80 -7.62
N THR D 77 -43.08 -12.70 -6.67
CA THR D 77 -43.19 -12.35 -5.24
C THR D 77 -42.92 -13.56 -4.35
N LEU D 78 -41.92 -13.52 -3.47
CA LEU D 78 -41.72 -14.50 -2.39
C LEU D 78 -42.77 -14.41 -1.30
N LYS D 79 -42.97 -15.51 -0.58
CA LYS D 79 -43.53 -15.50 0.76
C LYS D 79 -42.89 -16.56 1.63
N ILE D 80 -42.47 -16.16 2.83
CA ILE D 80 -42.10 -17.05 3.92
C ILE D 80 -43.27 -17.20 4.88
N SER D 81 -43.55 -18.43 5.32
CA SER D 81 -44.63 -18.73 6.26
C SER D 81 -44.32 -18.47 7.73
N SER D 82 -43.05 -18.30 8.08
CA SER D 82 -42.66 -18.16 9.47
C SER D 82 -41.33 -17.43 9.65
N VAL D 83 -41.38 -16.30 10.34
CA VAL D 83 -40.21 -15.52 10.75
C VAL D 83 -39.35 -16.27 11.77
N GLU D 84 -38.10 -16.56 11.41
CA GLU D 84 -37.08 -17.09 12.30
C GLU D 84 -35.95 -16.06 12.48
N ALA D 85 -35.31 -16.03 13.65
CA ALA D 85 -34.33 -14.99 13.98
C ALA D 85 -33.13 -14.97 13.01
N ASP D 86 -32.87 -16.14 12.45
CA ASP D 86 -32.00 -16.44 11.33
C ASP D 86 -32.20 -15.53 10.12
N ASP D 87 -33.41 -15.09 9.88
CA ASP D 87 -33.83 -14.52 8.60
C ASP D 87 -33.41 -13.06 8.39
N VAL D 88 -33.04 -12.32 9.43
CA VAL D 88 -32.71 -10.89 9.32
C VAL D 88 -31.55 -10.66 8.35
N GLY D 89 -31.67 -9.68 7.45
CA GLY D 89 -30.65 -9.38 6.44
C GLY D 89 -31.19 -8.66 5.21
N PHE D 90 -30.45 -8.78 4.12
CA PHE D 90 -30.81 -8.24 2.81
C PHE D 90 -31.30 -9.35 1.89
N TYR D 91 -32.47 -9.19 1.31
CA TYR D 91 -32.98 -10.09 0.30
C TYR D 91 -33.01 -9.38 -1.04
N TYR D 92 -32.61 -10.06 -2.11
CA TYR D 92 -32.69 -9.53 -3.46
C TYR D 92 -32.96 -10.66 -4.46
N CYS D 93 -33.45 -10.29 -5.65
CA CYS D 93 -33.78 -11.21 -6.71
C CYS D 93 -32.98 -10.92 -7.98
N ALA D 94 -32.70 -11.97 -8.73
CA ALA D 94 -31.99 -11.94 -10.00
C ALA D 94 -32.72 -12.77 -11.03
N GLN D 95 -32.54 -12.45 -12.30
CA GLN D 95 -33.60 -12.72 -13.27
C GLN D 95 -33.53 -14.04 -14.03
N GLY D 96 -32.41 -14.76 -14.06
CA GLY D 96 -32.23 -15.89 -14.98
C GLY D 96 -32.19 -15.48 -16.47
N VAL D 97 -32.11 -14.18 -16.72
CA VAL D 97 -32.10 -13.55 -18.04
C VAL D 97 -30.71 -13.49 -18.65
N ALA D 98 -30.61 -13.35 -19.97
CA ALA D 98 -29.35 -13.10 -20.66
C ALA D 98 -28.59 -11.92 -20.02
N PHE D 99 -27.29 -12.11 -19.81
CA PHE D 99 -26.41 -11.06 -19.31
C PHE D 99 -25.91 -10.21 -20.47
N PRO D 100 -25.62 -8.91 -20.32
CA PRO D 100 -25.56 -8.14 -19.09
C PRO D 100 -26.89 -8.13 -18.34
N TRP D 101 -26.80 -8.23 -17.03
CA TRP D 101 -27.94 -8.16 -16.13
C TRP D 101 -27.58 -7.39 -14.85
N THR D 102 -28.60 -6.82 -14.20
CA THR D 102 -28.47 -5.89 -13.08
C THR D 102 -29.33 -6.31 -11.91
N PHE D 103 -28.76 -6.35 -10.71
CA PHE D 103 -29.50 -6.47 -9.47
C PHE D 103 -30.54 -5.36 -9.31
N GLY D 104 -31.72 -5.69 -8.79
CA GLY D 104 -32.55 -4.68 -8.14
C GLY D 104 -31.97 -4.32 -6.77
N GLN D 105 -32.44 -3.22 -6.18
CA GLN D 105 -31.68 -2.50 -5.14
C GLN D 105 -31.53 -3.23 -3.81
N GLY D 106 -32.31 -4.27 -3.54
CA GLY D 106 -32.28 -5.03 -2.29
C GLY D 106 -33.31 -4.58 -1.26
N THR D 107 -33.80 -5.56 -0.51
CA THR D 107 -34.89 -5.41 0.46
C THR D 107 -34.41 -5.79 1.86
N LYS D 108 -34.56 -4.87 2.81
CA LYS D 108 -34.07 -5.04 4.19
C LYS D 108 -35.10 -5.74 5.04
N VAL D 109 -34.68 -6.70 5.84
CA VAL D 109 -35.54 -7.50 6.72
C VAL D 109 -35.01 -7.48 8.13
N GLU D 110 -35.90 -7.21 9.08
CA GLU D 110 -35.59 -7.01 10.49
C GLU D 110 -36.68 -7.56 11.39
N ILE D 111 -36.35 -7.79 12.66
CA ILE D 111 -37.35 -8.10 13.67
C ILE D 111 -38.11 -6.83 14.06
N LYS D 112 -39.39 -6.94 14.39
CA LYS D 112 -40.19 -5.88 15.01
C LYS D 112 -40.24 -6.02 16.53
N ARG D 113 -40.35 -4.89 17.20
CA ARG D 113 -40.21 -4.71 18.64
C ARG D 113 -41.22 -3.71 19.17
N ALA D 114 -41.45 -3.74 20.47
CA ALA D 114 -42.10 -2.65 21.18
C ALA D 114 -41.19 -1.40 21.13
N VAL D 115 -41.78 -0.24 20.88
CA VAL D 115 -41.03 1.03 20.88
C VAL D 115 -40.46 1.33 22.26
N ALA D 116 -39.25 1.89 22.30
CA ALA D 116 -38.49 2.05 23.53
C ALA D 116 -37.45 3.15 23.39
N ALA D 117 -37.49 4.16 24.26
CA ALA D 117 -36.54 5.28 24.22
C ALA D 117 -35.10 4.86 24.59
N PRO D 118 -34.08 5.51 24.00
CA PRO D 118 -32.72 5.33 24.46
C PRO D 118 -32.48 5.98 25.81
N SER D 119 -31.48 5.49 26.52
CA SER D 119 -30.78 6.27 27.52
C SER D 119 -29.84 7.24 26.81
N VAL D 120 -29.77 8.50 27.25
CA VAL D 120 -29.15 9.57 26.48
C VAL D 120 -28.06 10.30 27.26
N PHE D 121 -26.92 10.57 26.60
CA PHE D 121 -25.71 11.10 27.25
C PHE D 121 -25.00 12.10 26.36
N ILE D 122 -24.38 13.11 26.98
CA ILE D 122 -23.41 14.02 26.39
C ILE D 122 -22.47 14.49 27.50
N PHE D 123 -21.32 15.04 27.14
CA PHE D 123 -20.24 15.35 28.06
C PHE D 123 -19.26 16.36 27.41
N PRO D 124 -18.47 17.05 28.24
CA PRO D 124 -17.43 17.94 27.73
C PRO D 124 -16.41 17.19 26.90
N PRO D 125 -15.73 17.84 25.95
CA PRO D 125 -14.54 17.27 25.35
C PRO D 125 -13.46 17.13 26.43
N SER D 126 -12.70 16.04 26.42
CA SER D 126 -11.56 15.89 27.31
C SER D 126 -10.48 16.92 26.97
N GLU D 127 -9.81 17.43 27.98
CA GLU D 127 -9.08 18.69 27.85
C GLU D 127 -7.84 18.55 27.00
N ASP D 128 -7.22 17.38 26.98
CA ASP D 128 -6.21 16.99 26.00
C ASP D 128 -6.74 17.10 24.57
N GLN D 129 -7.95 16.62 24.31
CA GLN D 129 -8.60 16.77 23.01
C GLN D 129 -8.90 18.25 22.73
N VAL D 130 -9.27 19.04 23.74
CA VAL D 130 -9.44 20.49 23.60
C VAL D 130 -8.15 21.13 23.09
N LYS D 131 -7.05 20.98 23.83
CA LYS D 131 -5.74 21.54 23.45
C LYS D 131 -5.02 20.78 22.33
N SER D 132 -5.66 19.78 21.72
CA SER D 132 -5.32 19.27 20.38
C SER D 132 -5.74 20.21 19.25
N GLY D 133 -6.45 21.31 19.55
CA GLY D 133 -6.80 22.37 18.60
C GLY D 133 -8.03 22.08 17.75
N THR D 134 -8.23 20.83 17.34
CA THR D 134 -9.50 20.32 16.83
C THR D 134 -10.11 19.37 17.86
N VAL D 135 -11.42 19.46 18.05
CA VAL D 135 -12.14 19.02 19.25
C VAL D 135 -13.48 18.44 18.85
N SER D 136 -14.03 17.52 19.63
CA SER D 136 -15.36 16.96 19.38
C SER D 136 -16.02 16.49 20.65
N VAL D 137 -17.34 16.39 20.59
CA VAL D 137 -18.21 15.93 21.67
C VAL D 137 -19.30 15.07 21.10
N VAL D 138 -19.88 14.19 21.91
CA VAL D 138 -20.71 13.11 21.40
C VAL D 138 -21.99 13.01 22.20
N CYS D 139 -23.09 12.94 21.48
CA CYS D 139 -24.42 12.69 21.98
C CYS D 139 -24.71 11.20 21.72
N LEU D 140 -24.91 10.43 22.78
CA LEU D 140 -25.03 8.97 22.75
C LEU D 140 -26.41 8.52 23.22
N LEU D 141 -26.96 7.54 22.52
CA LEU D 141 -28.35 7.13 22.63
C LEU D 141 -28.41 5.61 22.67
N ASN D 142 -28.24 5.03 23.83
CA ASN D 142 -28.11 3.60 23.99
C ASN D 142 -29.47 2.91 24.04
N ASN D 143 -29.58 1.82 23.29
CA ASN D 143 -30.57 0.77 23.42
C ASN D 143 -32.01 1.29 23.34
N PHE D 144 -32.52 1.35 22.12
CA PHE D 144 -33.82 1.92 21.78
C PHE D 144 -34.39 1.37 20.49
N TYR D 145 -35.69 1.51 20.26
CA TYR D 145 -36.36 0.95 19.09
C TYR D 145 -37.59 1.76 18.68
N PRO D 146 -37.87 1.88 17.38
CA PRO D 146 -36.98 1.59 16.26
C PRO D 146 -35.87 2.64 16.16
N ARG D 147 -34.90 2.40 15.28
CA ARG D 147 -33.83 3.36 14.91
C ARG D 147 -34.31 4.57 14.10
N GLU D 148 -35.58 4.94 14.23
CA GLU D 148 -36.17 6.11 13.60
C GLU D 148 -36.29 7.29 14.56
N ALA D 149 -35.53 7.29 15.66
CA ALA D 149 -35.26 8.51 16.41
C ALA D 149 -34.64 9.60 15.52
N SER D 150 -34.72 10.85 15.95
CA SER D 150 -34.13 12.00 15.30
C SER D 150 -33.49 12.95 16.31
N VAL D 151 -32.33 13.50 15.95
CA VAL D 151 -31.39 14.11 16.90
C VAL D 151 -30.91 15.46 16.38
N LYS D 152 -30.73 16.38 17.31
CA LYS D 152 -30.53 17.82 17.14
C LYS D 152 -29.42 18.29 18.09
N TRP D 153 -28.87 19.47 17.85
CA TRP D 153 -27.92 20.09 18.77
C TRP D 153 -28.08 21.60 18.83
N LYS D 154 -27.89 22.20 20.00
CA LYS D 154 -27.87 23.65 20.22
C LYS D 154 -26.65 24.09 21.00
N VAL D 155 -26.05 25.21 20.59
CA VAL D 155 -24.88 25.83 21.20
C VAL D 155 -25.23 27.25 21.61
N ASP D 156 -25.02 27.56 22.89
CA ASP D 156 -25.64 28.70 23.56
C ASP D 156 -27.14 28.82 23.26
N GLY D 157 -27.81 27.66 23.25
CA GLY D 157 -29.26 27.54 23.04
C GLY D 157 -29.72 27.67 21.59
N VAL D 158 -28.83 27.83 20.62
CA VAL D 158 -29.17 28.05 19.21
C VAL D 158 -28.61 26.91 18.37
N LEU D 159 -29.37 26.47 17.37
CA LEU D 159 -29.07 25.24 16.65
C LEU D 159 -27.66 25.23 16.02
N LYS D 160 -27.04 24.05 15.98
CA LYS D 160 -25.67 23.76 15.53
C LYS D 160 -25.24 24.35 14.17
N THR D 161 -23.93 24.37 13.95
CA THR D 161 -23.32 24.82 12.67
C THR D 161 -23.42 23.79 11.53
N GLY D 162 -23.68 22.52 11.83
CA GLY D 162 -23.62 21.42 10.86
C GLY D 162 -22.26 20.72 10.78
N ASN D 163 -21.29 21.09 11.63
CA ASN D 163 -20.04 20.38 11.78
C ASN D 163 -20.22 19.07 12.60
N SER D 164 -21.05 18.16 12.11
CA SER D 164 -21.48 16.98 12.85
C SER D 164 -21.77 15.77 11.97
N GLN D 165 -21.63 14.58 12.53
CA GLN D 165 -21.71 13.30 11.84
C GLN D 165 -22.29 12.24 12.78
N GLU D 166 -22.88 11.18 12.25
CA GLU D 166 -23.63 10.20 13.06
C GLU D 166 -23.42 8.75 12.63
N SER D 167 -23.65 7.81 13.54
CA SER D 167 -23.55 6.37 13.30
C SER D 167 -24.49 5.58 14.20
N VAL D 168 -25.05 4.48 13.69
CA VAL D 168 -25.96 3.60 14.41
C VAL D 168 -25.41 2.18 14.48
N THR D 169 -25.71 1.49 15.57
CA THR D 169 -25.38 0.06 15.68
C THR D 169 -26.12 -0.76 14.64
N GLU D 170 -25.73 -2.01 14.47
CA GLU D 170 -26.65 -3.01 13.90
C GLU D 170 -27.91 -3.20 14.74
N GLN D 171 -28.94 -3.82 14.17
CA GLN D 171 -30.07 -4.31 14.96
C GLN D 171 -29.53 -5.22 16.05
N ASP D 172 -29.92 -4.96 17.28
CA ASP D 172 -29.39 -5.62 18.45
C ASP D 172 -29.62 -7.14 18.37
N SER D 173 -28.60 -7.92 18.73
CA SER D 173 -28.59 -9.37 18.58
C SER D 173 -29.75 -10.11 19.27
N LYS D 174 -30.44 -9.45 20.21
CA LYS D 174 -31.37 -10.11 21.13
C LYS D 174 -32.54 -9.23 21.52
N ASP D 175 -32.27 -8.00 21.92
CA ASP D 175 -33.26 -6.97 22.17
C ASP D 175 -33.78 -6.42 20.86
N ASN D 176 -33.01 -6.54 19.77
CA ASN D 176 -33.38 -6.12 18.41
C ASN D 176 -33.70 -4.62 18.28
N THR D 177 -33.38 -3.88 19.32
CA THR D 177 -33.21 -2.44 19.40
C THR D 177 -31.95 -2.00 18.68
N TYR D 178 -31.49 -0.78 18.96
CA TYR D 178 -30.36 -0.12 18.33
C TYR D 178 -29.73 0.86 19.31
N SER D 179 -28.57 1.40 18.98
CA SER D 179 -28.03 2.62 19.58
C SER D 179 -27.57 3.59 18.51
N LEU D 180 -27.45 4.86 18.88
CA LEU D 180 -27.02 5.96 18.02
C LEU D 180 -25.93 6.78 18.70
N SER D 181 -24.93 7.15 17.93
CA SER D 181 -23.97 8.19 18.25
C SER D 181 -24.17 9.30 17.25
N SER D 182 -24.34 10.50 17.79
CA SER D 182 -24.17 11.74 17.05
C SER D 182 -22.90 12.42 17.57
N THR D 183 -22.07 12.97 16.70
CA THR D 183 -20.85 13.69 17.07
C THR D 183 -20.90 15.10 16.51
N LEU D 184 -20.62 16.08 17.35
CA LEU D 184 -20.41 17.47 16.97
C LEU D 184 -18.92 17.80 17.14
N THR D 185 -18.36 18.51 16.18
CA THR D 185 -16.93 18.85 16.09
C THR D 185 -16.72 20.37 16.11
N LEU D 186 -15.63 20.81 16.71
CA LEU D 186 -15.27 22.20 16.99
C LEU D 186 -13.75 22.38 16.77
N SER D 187 -13.27 23.58 16.44
CA SER D 187 -11.90 23.92 16.85
C SER D 187 -11.96 24.31 18.33
N ASN D 188 -10.82 24.37 19.02
CA ASN D 188 -10.77 24.89 20.38
C ASN D 188 -11.40 26.29 20.49
N THR D 189 -11.29 27.09 19.44
CA THR D 189 -11.80 28.46 19.41
C THR D 189 -13.28 28.47 19.12
N ASP D 190 -13.78 27.56 18.29
CA ASP D 190 -15.22 27.37 18.14
C ASP D 190 -15.83 26.86 19.45
N TYR D 191 -15.10 26.01 20.15
CA TYR D 191 -15.45 25.57 21.50
C TYR D 191 -15.42 26.73 22.50
N GLN D 192 -14.64 27.79 22.27
CA GLN D 192 -14.79 29.04 23.01
C GLN D 192 -15.96 29.90 22.50
N SER D 193 -16.26 29.83 21.21
CA SER D 193 -17.27 30.64 20.53
C SER D 193 -18.69 30.36 21.01
N HIS D 194 -18.88 29.33 21.83
CA HIS D 194 -20.07 29.06 22.62
C HIS D 194 -19.65 28.51 23.99
N ASN D 195 -20.58 28.33 24.91
CA ASN D 195 -20.35 28.03 26.31
C ASN D 195 -21.11 26.78 26.75
N VAL D 196 -22.43 26.77 26.51
CA VAL D 196 -23.29 25.61 26.73
C VAL D 196 -23.52 24.88 25.41
N TYR D 197 -23.31 23.57 25.47
CA TYR D 197 -23.39 22.63 24.36
C TYR D 197 -24.49 21.61 24.67
N ALA D 198 -25.47 21.48 23.80
CA ALA D 198 -26.65 20.65 24.00
C ALA D 198 -26.94 19.74 22.81
N CYS D 199 -27.67 18.67 23.11
CA CYS D 199 -28.20 17.75 22.13
C CYS D 199 -29.66 17.46 22.48
N GLU D 200 -30.52 17.34 21.48
CA GLU D 200 -31.95 17.23 21.68
C GLU D 200 -32.55 16.19 20.74
N VAL D 201 -33.67 15.62 21.15
CA VAL D 201 -34.12 14.34 20.61
C VAL D 201 -35.62 14.31 20.45
N THR D 202 -36.11 13.64 19.41
CA THR D 202 -37.50 13.18 19.31
C THR D 202 -37.54 11.80 18.67
N HIS D 203 -38.45 10.93 19.10
CA HIS D 203 -38.44 9.49 18.79
C HIS D 203 -39.80 8.86 19.08
N GLN D 204 -40.05 7.68 18.53
CA GLN D 204 -41.27 6.92 18.71
C GLN D 204 -41.49 6.59 20.19
N GLY D 205 -40.46 6.05 20.83
CA GLY D 205 -40.46 5.74 22.26
C GLY D 205 -40.39 6.98 23.15
N LEU D 206 -40.13 8.16 22.58
CA LEU D 206 -40.31 9.43 23.30
C LEU D 206 -41.80 9.80 23.29
N SER D 207 -42.36 10.01 24.48
CA SER D 207 -43.64 10.69 24.65
C SER D 207 -43.57 12.18 24.29
N SER D 208 -42.40 12.78 24.45
CA SER D 208 -42.13 14.19 24.24
C SER D 208 -40.64 14.40 24.00
N PRO D 209 -40.21 15.52 23.40
CA PRO D 209 -38.82 15.80 23.14
C PRO D 209 -37.95 15.75 24.40
N VAL D 210 -36.69 15.32 24.25
CA VAL D 210 -35.71 15.23 25.33
C VAL D 210 -34.51 16.13 25.01
N THR D 211 -33.90 16.69 26.05
CA THR D 211 -32.73 17.57 25.95
C THR D 211 -31.68 17.18 26.97
N LYS D 212 -30.41 17.21 26.57
CA LYS D 212 -29.25 17.09 27.46
C LYS D 212 -28.23 18.17 27.10
N SER D 213 -27.32 18.47 28.02
CA SER D 213 -26.27 19.47 27.79
C SER D 213 -25.08 19.31 28.71
N PHE D 214 -23.97 19.97 28.35
CA PHE D 214 -22.95 20.41 29.29
C PHE D 214 -22.61 21.87 29.00
N ASN D 215 -22.06 22.58 29.96
CA ASN D 215 -21.48 23.89 29.75
C ASN D 215 -20.01 23.87 30.16
N ARG D 216 -19.17 24.47 29.32
CA ARG D 216 -17.71 24.48 29.53
C ARG D 216 -17.31 25.39 30.70
N GLY D 217 -16.09 25.21 31.19
CA GLY D 217 -15.58 25.96 32.35
C GLY D 217 -16.10 25.41 33.68
N GLU D 218 -16.14 24.09 33.82
CA GLU D 218 -16.75 23.36 34.94
C GLU D 218 -15.91 22.17 35.39
#